data_3UM8
#
_entry.id   3UM8
#
_cell.length_a   58.761
_cell.length_b   157.538
_cell.length_c   164.509
_cell.angle_alpha   90.000
_cell.angle_beta   90.000
_cell.angle_gamma   90.000
#
_symmetry.space_group_name_H-M   'P 21 21 21'
#
loop_
_entity.id
_entity.type
_entity.pdbx_description
1 polymer 'Bifunctional dihydrofolate reductase-thymidylate synthase'
2 non-polymer 1-(4-chlorophenyl)-6,6-dimethyl-1,6-dihydro-1,3,5-triazine-2,4-diamine
3 non-polymer 'NADPH DIHYDRO-NICOTINAMIDE-ADENINE-DINUCLEOTIDE PHOSPHATE'
4 non-polymer 'PHOSPHATE ION'
5 water water
#
_entity_poly.entity_id   1
_entity_poly.type   'polypeptide(L)'
_entity_poly.pdbx_seq_one_letter_code
;MMEQVCDVFDIYAICACCKVESKNEGKKNEVFNNYTFRGLGNKGVLPWKCNSLDMKYFCAVTTYVNESKYEKLKYKRCKY
LNKETVDNVNDMPNSKKLQNVVVMGRTSWESIPKKFKPLSNRINVILSRTLKKEDFDEDVYIINKVEDLIVLLGKLNYYK
CFIIGGSVVYQEFLEKKLIKKIYFTRINSTYECDVFFPEINENEYQIISVSDVYTSNNTTLDFIIYKKTNNKMLNEQNCI
KGEEKNNDMPLKNDDKDTCHMKKLTEFYKNVDKYKINYENDDDDEEEDDFVYFNFNKEKEEKNKNSIHPNDFQIYNSLKY
KYHPEYQYLNIIYDIMMNGNKQSDRTGVGVLSKFGYIMKFDLSQYFPLLTTKKLFLRGIIEELLWFIRGETNGNTLLNKN
VRIWEANGTREFLDNRKLFHREVNDLGPIYGFQWRHFGAEYTNMYDNYENKGVDQLKNIINLIKNDPTSRRILLCAWNVK
DLDQMALPPCHILCQFYVFDGKLSCIMYQRSCDLGLGVPFNIASYSIFTHMIAQVCNLQPAQFIHVLGNAHVYNNHIDSL
KIQLNRIPYPFPTLKLNPDIKNIEDFTISDFTIQNYVHHEKISMDMAA
;
_entity_poly.pdbx_strand_id   A,B
#
# COMPACT_ATOMS: atom_id res chain seq x y z
N MET A 1 25.71 28.43 21.75
CA MET A 1 25.71 26.95 21.85
C MET A 1 27.06 26.38 21.40
N MET A 2 27.74 25.71 22.32
CA MET A 2 29.04 25.11 22.02
C MET A 2 28.88 24.05 20.93
N GLU A 3 30.00 23.61 20.37
CA GLU A 3 29.98 22.61 19.31
C GLU A 3 30.55 21.28 19.81
N GLN A 4 29.99 20.17 19.34
CA GLN A 4 30.48 18.85 19.75
C GLN A 4 31.25 18.20 18.60
N VAL A 5 32.50 17.86 18.87
CA VAL A 5 33.40 17.26 17.87
C VAL A 5 32.74 16.28 16.88
N CYS A 6 32.04 15.28 17.42
CA CYS A 6 31.39 14.27 16.59
C CYS A 6 30.43 14.83 15.55
N ASP A 7 29.80 15.95 15.87
CA ASP A 7 28.84 16.57 14.96
C ASP A 7 29.53 17.45 13.92
N VAL A 8 30.48 18.26 14.36
CA VAL A 8 31.19 19.17 13.46
C VAL A 8 31.89 18.42 12.33
N PHE A 9 32.56 17.33 12.68
CA PHE A 9 33.29 16.55 11.69
C PHE A 9 32.57 15.31 11.19
N ASP A 10 31.33 15.13 11.65
CA ASP A 10 30.51 13.99 11.23
C ASP A 10 31.24 12.66 11.37
N ILE A 11 31.55 12.30 12.61
CA ILE A 11 32.25 11.04 12.86
C ILE A 11 31.25 9.95 13.19
N TYR A 12 31.18 8.95 12.31
CA TYR A 12 30.25 7.83 12.49
C TYR A 12 31.01 6.53 12.67
N ALA A 13 30.30 5.52 13.15
CA ALA A 13 30.87 4.20 13.33
C ALA A 13 29.98 3.21 12.58
N ILE A 14 30.61 2.25 11.92
CA ILE A 14 29.87 1.23 11.20
C ILE A 14 30.50 -0.10 11.57
N CYS A 15 29.66 -1.06 11.92
CA CYS A 15 30.15 -2.38 12.31
C CYS A 15 29.20 -3.50 11.89
N ALA A 16 29.57 -4.71 12.26
CA ALA A 16 28.78 -5.89 11.97
C ALA A 16 28.96 -6.80 13.18
N CYS A 17 27.87 -7.30 13.75
CA CYS A 17 27.98 -8.19 14.90
C CYS A 17 27.11 -9.43 14.78
N CYS A 18 27.65 -10.55 15.22
CA CYS A 18 26.93 -11.81 15.17
C CYS A 18 26.61 -12.24 16.60
N LYS A 19 26.09 -13.45 16.74
CA LYS A 19 25.75 -13.98 18.04
C LYS A 19 26.91 -14.81 18.53
N VAL A 20 27.30 -14.61 19.77
CA VAL A 20 28.45 -15.37 20.24
C VAL A 20 28.08 -16.78 20.65
N GLU A 21 29.09 -17.61 20.66
CA GLU A 21 29.00 -18.97 21.07
C GLU A 21 29.06 -19.17 22.59
N SER A 22 28.48 -18.23 23.34
CA SER A 22 28.47 -18.31 24.80
C SER A 22 27.71 -19.54 25.36
N LYS A 23 28.07 -19.97 26.57
CA LYS A 23 27.45 -21.12 27.22
C LYS A 23 25.97 -20.92 27.51
N ASN A 24 25.23 -22.02 27.55
CA ASN A 24 23.79 -21.97 27.83
C ASN A 24 23.37 -22.81 29.04
N GLU A 25 24.33 -23.40 29.73
CA GLU A 25 24.10 -24.23 30.91
C GLU A 25 22.91 -25.19 30.77
N GLY A 26 22.58 -25.54 29.53
CA GLY A 26 21.48 -26.44 29.29
C GLY A 26 20.11 -25.77 29.26
N LYS A 27 20.08 -24.44 29.38
CA LYS A 27 18.81 -23.71 29.37
C LYS A 27 18.34 -23.39 27.96
N LYS A 28 17.41 -24.21 27.46
CA LYS A 28 16.86 -24.02 26.13
C LYS A 28 16.41 -22.57 25.99
N ASN A 29 15.70 -22.08 27.01
CA ASN A 29 15.20 -20.70 27.02
C ASN A 29 16.26 -19.66 27.32
N GLU A 30 16.80 -19.10 26.25
CA GLU A 30 17.83 -18.09 26.31
C GLU A 30 17.17 -16.71 26.34
N VAL A 31 17.79 -15.75 27.01
CA VAL A 31 17.25 -14.39 27.06
C VAL A 31 17.92 -13.57 25.97
N PHE A 32 17.18 -12.63 25.41
CA PHE A 32 17.72 -11.80 24.34
C PHE A 32 17.55 -10.31 24.57
N ASN A 33 18.52 -9.57 24.04
CA ASN A 33 18.54 -8.11 24.11
C ASN A 33 19.48 -7.70 22.98
N ASN A 34 19.70 -6.40 22.81
CA ASN A 34 20.58 -5.96 21.74
C ASN A 34 21.99 -6.52 21.93
N TYR A 35 22.46 -6.54 23.17
CA TYR A 35 23.79 -7.05 23.48
C TYR A 35 23.98 -8.47 22.97
N THR A 36 22.89 -9.08 22.50
CA THR A 36 22.95 -10.44 21.96
C THR A 36 23.92 -10.43 20.77
N PHE A 37 23.82 -9.39 19.96
CA PHE A 37 24.68 -9.23 18.79
C PHE A 37 25.91 -8.42 19.18
N ARG A 38 27.03 -9.12 19.29
CA ARG A 38 28.27 -8.46 19.70
C ARG A 38 29.56 -9.09 19.19
N GLY A 39 29.46 -10.10 18.33
CA GLY A 39 30.67 -10.74 17.83
C GLY A 39 31.35 -9.99 16.69
N LEU A 40 32.43 -9.26 16.98
CA LEU A 40 33.17 -8.50 15.96
C LEU A 40 34.10 -9.34 15.11
N GLY A 41 35.04 -10.02 15.72
CA GLY A 41 35.96 -10.84 14.97
C GLY A 41 36.47 -12.03 15.74
N ASN A 42 37.32 -12.81 15.10
CA ASN A 42 37.90 -13.99 15.77
C ASN A 42 39.20 -14.36 15.07
N LYS A 43 40.24 -14.61 15.86
CA LYS A 43 41.58 -14.95 15.37
C LYS A 43 42.12 -14.02 14.27
N GLY A 44 41.84 -12.72 14.40
CA GLY A 44 42.30 -11.76 13.43
C GLY A 44 41.40 -11.54 12.24
N VAL A 45 40.36 -12.34 12.11
CA VAL A 45 39.42 -12.18 10.98
C VAL A 45 37.94 -12.16 11.41
N LEU A 46 37.03 -12.05 10.44
CA LEU A 46 35.60 -12.03 10.72
C LEU A 46 35.10 -13.42 11.17
N PRO A 47 34.23 -13.46 12.19
CA PRO A 47 33.67 -14.68 12.74
C PRO A 47 33.02 -15.56 11.68
N TRP A 48 32.40 -14.93 10.69
CA TRP A 48 31.74 -15.65 9.60
C TRP A 48 32.58 -15.73 8.34
N LYS A 49 33.71 -15.04 8.36
CA LYS A 49 34.64 -15.04 7.24
C LYS A 49 34.26 -14.09 6.11
N CYS A 50 33.08 -14.24 5.55
CA CYS A 50 32.65 -13.32 4.47
C CYS A 50 31.12 -13.29 4.38
N ASN A 51 30.56 -12.14 4.00
CA ASN A 51 29.15 -11.97 3.84
C ASN A 51 28.96 -10.90 2.77
N SER A 52 28.58 -11.33 1.58
CA SER A 52 28.37 -10.42 0.47
C SER A 52 27.48 -9.21 0.73
N LEU A 53 26.25 -9.46 1.17
CA LEU A 53 25.32 -8.36 1.38
C LEU A 53 25.83 -7.32 2.36
N ASP A 54 26.38 -7.77 3.49
CA ASP A 54 26.90 -6.85 4.49
C ASP A 54 28.06 -6.04 3.95
N MET A 55 28.93 -6.70 3.19
CA MET A 55 30.08 -6.05 2.61
C MET A 55 29.63 -5.03 1.56
N LYS A 56 28.60 -5.39 0.81
CA LYS A 56 28.09 -4.48 -0.20
C LYS A 56 27.54 -3.25 0.54
N TYR A 57 26.88 -3.49 1.66
CA TYR A 57 26.32 -2.41 2.47
C TYR A 57 27.47 -1.53 3.01
N PHE A 58 28.51 -2.19 3.51
CA PHE A 58 29.66 -1.48 4.04
C PHE A 58 30.29 -0.55 3.01
N CYS A 59 30.44 -1.07 1.79
CA CYS A 59 31.01 -0.30 0.69
C CYS A 59 30.07 0.83 0.32
N ALA A 60 28.78 0.53 0.26
CA ALA A 60 27.78 1.54 -0.10
C ALA A 60 27.81 2.70 0.89
N VAL A 61 27.79 2.38 2.18
CA VAL A 61 27.80 3.41 3.20
C VAL A 61 29.11 4.20 3.25
N THR A 62 30.24 3.51 3.29
CA THR A 62 31.51 4.22 3.38
C THR A 62 32.00 4.95 2.13
N THR A 63 31.37 4.72 0.98
CA THR A 63 31.83 5.42 -0.22
C THR A 63 30.82 6.44 -0.74
N TYR A 64 29.63 6.46 -0.16
CA TYR A 64 28.62 7.41 -0.63
C TYR A 64 28.87 8.85 -0.18
N VAL A 65 28.85 9.78 -1.13
CA VAL A 65 29.02 11.19 -0.83
C VAL A 65 28.06 12.00 -1.69
N ASN A 66 27.56 13.09 -1.13
CA ASN A 66 26.65 13.98 -1.83
C ASN A 66 27.37 15.32 -1.89
N GLU A 67 28.15 15.54 -2.95
CA GLU A 67 28.92 16.76 -3.09
C GLU A 67 28.15 18.06 -2.90
N SER A 68 26.83 17.99 -2.95
CA SER A 68 26.01 19.18 -2.77
C SER A 68 26.13 19.71 -1.35
N LYS A 69 25.97 18.81 -0.38
CA LYS A 69 26.04 19.19 1.03
C LYS A 69 27.40 19.64 1.55
N TYR A 70 28.48 19.26 0.88
CA TYR A 70 29.80 19.64 1.37
C TYR A 70 29.96 21.14 1.54
N GLU A 71 29.46 21.92 0.58
CA GLU A 71 29.55 23.38 0.66
C GLU A 71 29.14 23.79 2.07
N LYS A 72 28.01 23.24 2.51
CA LYS A 72 27.45 23.53 3.82
C LYS A 72 28.32 22.95 4.92
N LEU A 73 28.93 21.79 4.66
CA LEU A 73 29.80 21.15 5.64
C LEU A 73 31.13 21.87 5.80
N LYS A 74 31.63 22.44 4.70
CA LYS A 74 32.89 23.18 4.73
C LYS A 74 32.70 24.44 5.57
N TYR A 75 31.50 24.99 5.50
CA TYR A 75 31.13 26.18 6.25
C TYR A 75 31.20 25.86 7.74
N LYS A 76 30.44 24.84 8.14
CA LYS A 76 30.40 24.40 9.53
C LYS A 76 31.80 24.20 10.10
N ARG A 77 32.47 23.16 9.63
CA ARG A 77 33.81 22.81 10.09
C ARG A 77 34.77 24.00 10.07
N CYS A 78 34.66 24.85 9.07
CA CYS A 78 35.54 26.01 9.00
C CYS A 78 35.15 27.01 10.09
N LYS A 79 33.86 27.29 10.21
CA LYS A 79 33.40 28.22 11.22
C LYS A 79 33.78 27.73 12.61
N TYR A 80 33.85 26.41 12.77
CA TYR A 80 34.20 25.82 14.06
C TYR A 80 35.66 26.11 14.41
N LEU A 81 36.53 26.12 13.40
CA LEU A 81 37.94 26.38 13.63
C LEU A 81 38.25 27.88 13.56
N ASN A 82 37.23 28.68 13.26
CA ASN A 82 37.37 30.13 13.15
C ASN A 82 38.02 30.59 11.87
N LYS A 83 37.99 29.71 10.88
CA LYS A 83 38.60 29.98 9.59
C LYS A 83 37.55 29.98 8.47
N GLU A 84 37.53 31.05 7.68
CA GLU A 84 36.59 31.20 6.58
C GLU A 84 37.08 32.20 5.53
N THR A 85 36.37 32.28 4.42
CA THR A 85 36.73 33.17 3.32
C THR A 85 37.19 34.54 3.84
N LYS A 96 40.15 15.72 -6.75
CA LYS A 96 39.11 16.75 -6.62
C LYS A 96 37.73 16.14 -6.38
N LYS A 97 37.65 14.81 -6.48
CA LYS A 97 36.40 14.09 -6.27
C LYS A 97 36.24 13.81 -4.78
N LEU A 98 35.23 14.42 -4.17
CA LEU A 98 34.97 14.28 -2.74
C LEU A 98 34.88 12.83 -2.27
N GLN A 99 35.57 12.54 -1.15
CA GLN A 99 35.57 11.20 -0.59
C GLN A 99 35.33 11.20 0.91
N ASN A 100 34.99 10.04 1.44
CA ASN A 100 34.80 9.89 2.88
C ASN A 100 36.11 9.42 3.49
N VAL A 101 36.21 9.52 4.80
CA VAL A 101 37.39 9.09 5.51
C VAL A 101 37.03 7.83 6.29
N VAL A 102 37.90 6.82 6.24
CA VAL A 102 37.68 5.62 7.02
C VAL A 102 38.87 5.52 7.97
N VAL A 103 38.57 5.35 9.26
CA VAL A 103 39.59 5.23 10.29
C VAL A 103 39.58 3.80 10.82
N MET A 104 40.75 3.21 11.01
CA MET A 104 40.79 1.83 11.50
C MET A 104 42.02 1.52 12.32
N GLY A 105 41.89 0.53 13.20
CA GLY A 105 43.00 0.10 14.02
C GLY A 105 44.00 -0.73 13.23
N ARG A 106 45.19 -0.90 13.81
CA ARG A 106 46.27 -1.66 13.19
C ARG A 106 45.88 -3.05 12.74
N THR A 107 45.27 -3.82 13.63
CA THR A 107 44.86 -5.19 13.32
C THR A 107 43.84 -5.23 12.19
N SER A 108 42.88 -4.31 12.21
CA SER A 108 41.87 -4.26 11.18
C SER A 108 42.53 -4.09 9.84
N TRP A 109 43.46 -3.14 9.77
CA TRP A 109 44.18 -2.89 8.53
C TRP A 109 44.91 -4.15 8.03
N GLU A 110 45.54 -4.87 8.94
CA GLU A 110 46.26 -6.08 8.57
C GLU A 110 45.37 -7.25 8.18
N SER A 111 44.09 -7.16 8.55
CA SER A 111 43.15 -8.22 8.20
C SER A 111 42.62 -8.05 6.78
N ILE A 112 42.79 -6.87 6.20
CA ILE A 112 42.32 -6.61 4.85
C ILE A 112 43.24 -7.30 3.84
N PRO A 113 42.66 -7.88 2.77
CA PRO A 113 43.45 -8.57 1.73
C PRO A 113 44.19 -7.53 0.90
N LYS A 114 45.47 -7.77 0.63
CA LYS A 114 46.27 -6.83 -0.13
C LYS A 114 45.59 -6.20 -1.33
N LYS A 115 44.93 -7.00 -2.16
CA LYS A 115 44.26 -6.46 -3.34
C LYS A 115 43.18 -5.41 -3.02
N PHE A 116 42.77 -5.35 -1.76
CA PHE A 116 41.76 -4.39 -1.33
C PHE A 116 42.32 -3.23 -0.50
N LYS A 117 43.65 -3.15 -0.39
CA LYS A 117 44.34 -2.08 0.35
C LYS A 117 44.96 -1.07 -0.59
N PRO A 118 44.66 0.22 -0.38
CA PRO A 118 43.77 0.71 0.69
C PRO A 118 42.34 0.65 0.18
N LEU A 119 41.37 0.78 1.06
CA LEU A 119 39.98 0.72 0.62
C LEU A 119 39.79 1.78 -0.48
N SER A 120 39.28 1.31 -1.62
CA SER A 120 39.08 2.14 -2.79
C SER A 120 38.18 3.34 -2.58
N ASN A 121 38.44 4.40 -3.32
CA ASN A 121 37.66 5.64 -3.25
C ASN A 121 37.41 6.16 -1.83
N ARG A 122 38.35 5.93 -0.95
CA ARG A 122 38.22 6.40 0.42
C ARG A 122 39.59 6.74 1.01
N ILE A 123 39.60 7.74 1.88
CA ILE A 123 40.83 8.14 2.55
C ILE A 123 41.01 7.23 3.75
N ASN A 124 42.05 6.41 3.71
CA ASN A 124 42.30 5.47 4.79
C ASN A 124 43.21 6.00 5.90
N VAL A 125 42.68 6.00 7.11
CA VAL A 125 43.43 6.46 8.27
C VAL A 125 43.65 5.28 9.18
N ILE A 126 44.88 5.10 9.65
CA ILE A 126 45.20 3.97 10.52
C ILE A 126 45.81 4.39 11.86
N LEU A 127 45.24 3.87 12.94
CA LEU A 127 45.74 4.16 14.28
C LEU A 127 46.79 3.11 14.61
N SER A 128 47.92 3.55 15.14
CA SER A 128 49.01 2.63 15.48
C SER A 128 50.11 3.31 16.29
N ARG A 129 50.90 2.49 16.97
CA ARG A 129 52.03 2.98 17.75
C ARG A 129 53.24 2.18 17.30
N THR A 130 53.05 0.87 17.15
CA THR A 130 54.14 -0.01 16.74
C THR A 130 54.56 0.18 15.28
N LEU A 131 53.83 1.00 14.54
CA LEU A 131 54.15 1.24 13.13
C LEU A 131 54.05 2.71 12.76
N LYS A 132 54.88 3.13 11.81
CA LYS A 132 54.91 4.53 11.35
C LYS A 132 54.79 4.55 9.84
N LYS A 133 54.63 5.73 9.26
CA LYS A 133 54.47 5.85 7.81
C LYS A 133 55.51 5.09 6.98
N GLU A 134 56.75 5.05 7.45
CA GLU A 134 57.82 4.36 6.72
C GLU A 134 57.52 2.89 6.51
N ASP A 135 56.74 2.32 7.43
CA ASP A 135 56.37 0.92 7.37
C ASP A 135 55.24 0.61 6.40
N PHE A 136 54.71 1.64 5.75
CA PHE A 136 53.62 1.45 4.80
C PHE A 136 53.98 1.85 3.37
N ASP A 137 53.55 1.03 2.42
CA ASP A 137 53.79 1.32 1.02
C ASP A 137 52.60 2.09 0.45
N GLU A 138 51.43 1.80 0.99
CA GLU A 138 50.18 2.39 0.53
C GLU A 138 49.90 3.86 0.85
N ASP A 139 49.01 4.46 0.06
CA ASP A 139 48.63 5.85 0.26
C ASP A 139 47.65 5.88 1.43
N VAL A 140 48.17 6.06 2.63
CA VAL A 140 47.33 6.09 3.82
C VAL A 140 47.90 7.07 4.82
N TYR A 141 47.07 7.45 5.80
CA TYR A 141 47.51 8.36 6.85
C TYR A 141 47.71 7.55 8.12
N ILE A 142 48.78 7.84 8.83
CA ILE A 142 49.06 7.15 10.08
C ILE A 142 48.92 8.15 11.21
N ILE A 143 48.41 7.68 12.33
CA ILE A 143 48.27 8.53 13.51
C ILE A 143 48.46 7.63 14.71
N ASN A 144 49.18 8.13 15.70
CA ASN A 144 49.47 7.35 16.90
C ASN A 144 48.59 7.69 18.09
N LYS A 145 47.60 8.54 17.87
CA LYS A 145 46.68 8.92 18.93
C LYS A 145 45.40 9.49 18.34
N VAL A 146 44.29 9.31 19.05
CA VAL A 146 42.99 9.78 18.59
C VAL A 146 42.93 11.27 18.24
N GLU A 147 43.35 12.11 19.18
CA GLU A 147 43.33 13.55 18.97
C GLU A 147 43.88 13.95 17.60
N ASP A 148 44.87 13.21 17.11
CA ASP A 148 45.46 13.52 15.81
C ASP A 148 44.46 13.41 14.69
N LEU A 149 43.54 12.46 14.82
CA LEU A 149 42.50 12.26 13.82
C LEU A 149 41.71 13.56 13.69
N ILE A 150 41.41 14.17 14.84
CA ILE A 150 40.64 15.41 14.82
C ILE A 150 41.43 16.51 14.15
N VAL A 151 42.72 16.62 14.47
CA VAL A 151 43.54 17.64 13.86
C VAL A 151 43.52 17.44 12.35
N LEU A 152 43.75 16.19 11.93
CA LEU A 152 43.76 15.83 10.52
C LEU A 152 42.45 16.14 9.81
N LEU A 153 41.34 15.74 10.42
CA LEU A 153 40.04 15.99 9.82
C LEU A 153 39.90 17.46 9.54
N GLY A 154 40.41 18.28 10.46
CA GLY A 154 40.36 19.71 10.30
C GLY A 154 41.10 20.17 9.05
N LYS A 155 42.10 19.40 8.65
CA LYS A 155 42.90 19.74 7.46
C LYS A 155 42.37 19.13 6.17
N LEU A 156 41.65 18.02 6.26
CA LEU A 156 41.16 17.36 5.06
C LEU A 156 39.81 17.80 4.51
N ASN A 157 39.62 17.55 3.22
CA ASN A 157 38.38 17.86 2.55
C ASN A 157 37.68 16.52 2.33
N TYR A 158 36.78 16.17 3.24
CA TYR A 158 36.09 14.89 3.13
C TYR A 158 34.60 15.05 3.41
N TYR A 159 33.81 14.06 3.05
CA TYR A 159 32.37 14.12 3.29
C TYR A 159 32.03 13.70 4.71
N LYS A 160 32.28 12.43 5.03
CA LYS A 160 31.99 11.93 6.36
C LYS A 160 33.11 11.02 6.81
N CYS A 161 33.27 10.89 8.13
CA CYS A 161 34.31 10.05 8.69
C CYS A 161 33.70 8.82 9.39
N PHE A 162 34.15 7.64 8.99
CA PHE A 162 33.63 6.40 9.54
C PHE A 162 34.69 5.59 10.27
N ILE A 163 34.37 5.19 11.49
CA ILE A 163 35.26 4.37 12.30
C ILE A 163 34.81 2.96 12.00
N ILE A 164 35.65 2.18 11.34
CA ILE A 164 35.30 0.82 10.95
C ILE A 164 35.94 -0.31 11.76
N GLY A 165 36.30 -0.04 13.01
CA GLY A 165 36.91 -1.06 13.86
C GLY A 165 38.40 -0.88 14.09
N GLY A 166 39.00 -1.77 14.89
CA GLY A 166 38.31 -2.89 15.51
C GLY A 166 37.69 -2.60 16.88
N SER A 167 37.64 -3.62 17.73
CA SER A 167 37.03 -3.48 19.05
C SER A 167 37.71 -2.41 19.88
N VAL A 168 39.04 -2.46 19.94
CA VAL A 168 39.78 -1.47 20.70
C VAL A 168 39.38 -0.09 20.20
N VAL A 169 39.36 0.08 18.88
CA VAL A 169 38.99 1.37 18.30
C VAL A 169 37.56 1.81 18.58
N TYR A 170 36.59 0.92 18.41
CA TYR A 170 35.20 1.30 18.68
C TYR A 170 35.12 1.70 20.16
N GLN A 171 35.75 0.89 20.99
CA GLN A 171 35.80 1.09 22.43
C GLN A 171 36.17 2.52 22.83
N GLU A 172 37.31 3.00 22.35
CA GLU A 172 37.77 4.34 22.69
C GLU A 172 36.92 5.46 22.10
N PHE A 173 36.46 5.30 20.87
CA PHE A 173 35.64 6.33 20.24
C PHE A 173 34.28 6.54 20.88
N LEU A 174 33.68 5.47 21.36
CA LEU A 174 32.39 5.55 22.05
C LEU A 174 32.67 6.09 23.44
N GLU A 175 33.79 5.63 24.00
CA GLU A 175 34.26 6.02 25.32
C GLU A 175 34.52 7.52 25.33
N LYS A 176 35.14 8.03 24.27
CA LYS A 176 35.43 9.46 24.16
C LYS A 176 34.25 10.23 23.58
N LYS A 177 33.12 9.56 23.48
CA LYS A 177 31.91 10.18 22.96
C LYS A 177 32.13 10.91 21.62
N LEU A 178 32.74 10.22 20.66
CA LEU A 178 33.01 10.81 19.36
C LEU A 178 32.08 10.31 18.25
N ILE A 179 31.32 9.25 18.53
CA ILE A 179 30.39 8.67 17.56
C ILE A 179 29.04 9.35 17.54
N LYS A 180 28.63 9.81 16.36
CA LYS A 180 27.35 10.50 16.17
C LYS A 180 26.21 9.49 15.95
N LYS A 181 26.51 8.44 15.19
CA LYS A 181 25.54 7.38 14.89
C LYS A 181 26.31 6.09 14.68
N ILE A 182 25.63 4.96 14.89
CA ILE A 182 26.26 3.67 14.69
C ILE A 182 25.48 2.86 13.66
N TYR A 183 26.13 2.52 12.57
CA TYR A 183 25.50 1.70 11.52
C TYR A 183 25.88 0.30 11.90
N PHE A 184 24.90 -0.40 12.47
CA PHE A 184 25.07 -1.73 13.03
C PHE A 184 24.39 -2.86 12.27
N THR A 185 25.18 -3.81 11.79
CA THR A 185 24.63 -4.95 11.07
C THR A 185 24.48 -6.11 12.04
N ARG A 186 23.30 -6.72 12.05
CA ARG A 186 23.07 -7.85 12.93
C ARG A 186 23.08 -9.12 12.10
N ILE A 187 24.16 -9.89 12.24
CA ILE A 187 24.33 -11.16 11.55
C ILE A 187 23.61 -12.12 12.49
N ASN A 188 22.46 -12.65 12.06
CA ASN A 188 21.69 -13.53 12.93
C ASN A 188 22.08 -14.99 12.90
N SER A 189 23.28 -15.26 13.41
CA SER A 189 23.81 -16.61 13.51
C SER A 189 24.94 -16.57 14.53
N THR A 190 25.33 -17.73 15.03
CA THR A 190 26.39 -17.80 16.03
C THR A 190 27.73 -18.28 15.44
N TYR A 191 28.82 -17.72 15.95
CA TYR A 191 30.15 -18.10 15.51
C TYR A 191 31.16 -17.99 16.64
N GLU A 192 32.28 -18.70 16.49
CA GLU A 192 33.32 -18.63 17.50
C GLU A 192 33.88 -17.20 17.47
N CYS A 193 34.05 -16.59 18.62
CA CYS A 193 34.56 -15.23 18.66
C CYS A 193 35.56 -15.01 19.80
N ASP A 194 36.39 -13.98 19.63
CA ASP A 194 37.38 -13.62 20.64
C ASP A 194 37.48 -12.09 20.76
N VAL A 195 36.68 -11.38 19.98
CA VAL A 195 36.64 -9.91 20.00
C VAL A 195 35.17 -9.48 20.03
N PHE A 196 34.86 -8.45 20.82
CA PHE A 196 33.47 -8.00 20.95
C PHE A 196 33.28 -6.50 20.88
N PHE A 197 32.13 -6.09 20.35
CA PHE A 197 31.80 -4.68 20.25
C PHE A 197 31.36 -4.25 21.64
N PRO A 198 31.72 -3.03 22.05
CA PRO A 198 31.34 -2.53 23.38
C PRO A 198 29.83 -2.54 23.55
N GLU A 199 29.40 -2.78 24.78
CA GLU A 199 27.98 -2.80 25.10
C GLU A 199 27.47 -1.36 24.96
N ILE A 200 26.58 -1.13 24.01
CA ILE A 200 26.04 0.23 23.81
C ILE A 200 25.14 0.64 24.97
N ASN A 201 25.37 1.85 25.50
CA ASN A 201 24.57 2.34 26.62
C ASN A 201 23.26 2.93 26.13
N GLU A 202 22.16 2.28 26.51
CA GLU A 202 20.83 2.70 26.13
C GLU A 202 20.55 4.16 26.46
N ASN A 203 21.32 4.73 27.38
CA ASN A 203 21.14 6.12 27.78
C ASN A 203 21.89 7.06 26.83
N GLU A 204 22.88 6.52 26.12
CA GLU A 204 23.66 7.31 25.19
C GLU A 204 23.16 7.18 23.76
N TYR A 205 22.81 5.96 23.37
CA TYR A 205 22.34 5.70 22.02
C TYR A 205 20.99 5.00 21.97
N GLN A 206 20.22 5.35 20.95
CA GLN A 206 18.90 4.77 20.75
C GLN A 206 18.66 4.40 19.29
N ILE A 207 18.22 3.17 19.06
CA ILE A 207 17.92 2.68 17.72
C ILE A 207 16.86 3.59 17.11
N ILE A 208 17.13 4.11 15.91
CA ILE A 208 16.17 4.98 15.26
C ILE A 208 15.68 4.49 13.90
N SER A 209 16.30 3.42 13.41
CA SER A 209 15.91 2.84 12.12
C SER A 209 16.23 1.37 12.03
N VAL A 210 15.35 0.62 11.39
CA VAL A 210 15.54 -0.81 11.23
C VAL A 210 15.22 -1.13 9.77
N SER A 211 16.18 -1.75 9.10
CA SER A 211 16.03 -2.09 7.69
C SER A 211 15.21 -3.34 7.46
N ASP A 212 15.02 -3.65 6.19
CA ASP A 212 14.31 -4.85 5.78
C ASP A 212 15.25 -5.97 6.21
N VAL A 213 14.75 -7.20 6.25
CA VAL A 213 15.57 -8.33 6.65
C VAL A 213 16.04 -9.04 5.39
N TYR A 214 17.22 -9.66 5.44
CA TYR A 214 17.76 -10.34 4.27
C TYR A 214 18.48 -11.63 4.60
N THR A 215 18.74 -12.40 3.54
CA THR A 215 19.46 -13.65 3.65
C THR A 215 20.71 -13.55 2.77
N SER A 216 21.85 -13.88 3.33
CA SER A 216 23.10 -13.84 2.59
C SER A 216 24.10 -14.78 3.23
N ASN A 217 24.60 -15.72 2.45
CA ASN A 217 25.57 -16.69 2.92
C ASN A 217 25.00 -17.56 4.04
N ASN A 218 23.78 -18.05 3.85
CA ASN A 218 23.14 -18.93 4.82
C ASN A 218 22.85 -18.33 6.17
N THR A 219 22.48 -17.07 6.19
CA THR A 219 22.15 -16.43 7.45
C THR A 219 21.35 -15.20 7.14
N THR A 220 20.41 -14.87 8.03
CA THR A 220 19.63 -13.68 7.83
C THR A 220 20.40 -12.55 8.50
N LEU A 221 20.00 -11.32 8.20
CA LEU A 221 20.65 -10.16 8.80
C LEU A 221 19.86 -8.90 8.44
N ASP A 222 20.01 -7.88 9.27
CA ASP A 222 19.37 -6.60 9.00
C ASP A 222 20.35 -5.51 9.39
N PHE A 223 19.98 -4.27 9.08
CA PHE A 223 20.82 -3.13 9.35
C PHE A 223 20.04 -2.15 10.20
N ILE A 224 20.63 -1.72 11.30
CA ILE A 224 19.97 -0.78 12.19
C ILE A 224 20.90 0.40 12.48
N ILE A 225 20.30 1.53 12.79
CA ILE A 225 21.07 2.73 13.07
C ILE A 225 20.83 3.20 14.49
N TYR A 226 21.92 3.40 15.24
CA TYR A 226 21.81 3.90 16.60
C TYR A 226 22.15 5.37 16.50
N LYS A 227 21.48 6.19 17.29
CA LYS A 227 21.72 7.63 17.27
C LYS A 227 22.11 8.09 18.67
N LYS A 228 23.01 9.05 18.76
CA LYS A 228 23.47 9.58 20.03
C LYS A 228 22.30 10.45 20.51
N THR A 229 21.78 10.11 21.68
CA THR A 229 20.66 10.83 22.29
C THR A 229 21.03 12.12 23.01
N ASN A 230 20.04 12.98 23.23
CA ASN A 230 20.27 14.26 23.89
C ASN A 230 20.66 13.99 25.36
N ASN A 231 21.22 15.03 26.00
CA ASN A 231 21.67 14.99 27.38
C ASN A 231 22.62 13.81 27.56
N ASP A 283 12.50 19.96 -7.64
CA ASP A 283 11.60 21.19 -7.76
C ASP A 283 10.88 21.44 -6.41
N ASP A 284 11.24 22.56 -5.76
CA ASP A 284 10.67 22.99 -4.49
C ASP A 284 9.26 23.58 -4.45
N GLU A 285 8.80 24.10 -5.57
CA GLU A 285 7.51 24.71 -5.56
C GLU A 285 6.43 23.64 -5.44
N GLU A 286 6.65 22.53 -6.09
CA GLU A 286 5.65 21.47 -6.04
C GLU A 286 5.36 21.09 -4.56
N GLU A 287 6.16 21.62 -3.63
CA GLU A 287 5.99 21.39 -2.17
C GLU A 287 4.75 22.14 -1.65
N ASP A 288 4.50 23.32 -2.18
CA ASP A 288 3.34 24.09 -1.79
C ASP A 288 2.07 23.40 -2.29
N ASP A 289 2.15 22.76 -3.45
CA ASP A 289 1.00 22.06 -4.00
C ASP A 289 0.59 20.87 -3.12
N PHE A 290 1.57 20.21 -2.53
CA PHE A 290 1.29 19.06 -1.66
C PHE A 290 0.44 19.58 -0.49
N VAL A 291 0.82 20.73 0.07
CA VAL A 291 0.08 21.31 1.17
C VAL A 291 -1.37 21.55 0.75
N TYR A 292 -1.55 22.10 -0.44
CA TYR A 292 -2.88 22.39 -0.95
C TYR A 292 -3.75 21.12 -1.03
N PHE A 293 -3.26 20.11 -1.74
CA PHE A 293 -4.01 18.87 -1.90
C PHE A 293 -4.36 18.16 -0.60
N ASN A 294 -3.66 18.50 0.47
CA ASN A 294 -3.92 17.87 1.76
C ASN A 294 -4.72 18.84 2.62
N PHE A 295 -5.43 19.75 1.97
CA PHE A 295 -6.23 20.75 2.66
C PHE A 295 -7.44 20.13 3.33
N ASN A 296 -7.86 18.97 2.84
CA ASN A 296 -9.04 18.31 3.41
C ASN A 296 -8.65 17.21 4.40
N LYS A 297 -7.55 17.43 5.09
CA LYS A 297 -7.08 16.46 6.07
C LYS A 297 -7.47 16.89 7.48
N GLU A 298 -8.00 15.95 8.24
CA GLU A 298 -8.40 16.22 9.61
C GLU A 298 -7.30 15.65 10.49
N LYS A 299 -6.48 16.52 11.06
CA LYS A 299 -5.38 16.09 11.91
C LYS A 299 -5.90 15.63 13.27
N GLU A 300 -6.75 14.61 13.23
CA GLU A 300 -7.35 14.03 14.42
C GLU A 300 -7.38 12.51 14.27
N GLU A 301 -7.46 11.81 15.39
CA GLU A 301 -7.52 10.35 15.39
C GLU A 301 -8.56 10.05 16.45
N LYS A 302 -9.65 9.41 16.04
CA LYS A 302 -10.77 9.09 16.92
C LYS A 302 -10.55 8.32 18.22
N ASN A 303 -9.42 7.64 18.36
CA ASN A 303 -9.13 6.85 19.57
C ASN A 303 -7.89 7.30 20.33
N LYS A 304 -7.37 8.47 19.96
CA LYS A 304 -6.18 9.02 20.60
C LYS A 304 -6.41 9.30 22.09
N ASN A 305 -7.68 9.47 22.45
CA ASN A 305 -8.11 9.76 23.82
C ASN A 305 -8.03 8.55 24.74
N SER A 306 -8.17 7.36 24.16
CA SER A 306 -8.10 6.12 24.92
C SER A 306 -6.69 5.59 24.74
N ILE A 307 -5.98 6.14 23.76
CA ILE A 307 -4.62 5.72 23.46
C ILE A 307 -3.69 6.94 23.39
N HIS A 308 -3.12 7.30 24.53
CA HIS A 308 -2.23 8.47 24.62
C HIS A 308 -0.91 8.34 23.85
N PRO A 309 -0.37 9.48 23.37
CA PRO A 309 0.88 9.57 22.59
C PRO A 309 2.12 9.01 23.27
N ASN A 310 2.26 9.30 24.55
CA ASN A 310 3.41 8.82 25.27
C ASN A 310 3.50 7.31 25.39
N ASP A 311 2.43 6.61 25.01
CA ASP A 311 2.43 5.15 25.09
C ASP A 311 3.17 4.52 23.91
N PHE A 312 3.55 5.35 22.95
CA PHE A 312 4.27 4.87 21.76
C PHE A 312 5.54 5.66 21.50
N GLN A 313 6.24 6.05 22.57
CA GLN A 313 7.48 6.80 22.45
C GLN A 313 8.45 6.15 21.49
N ILE A 314 8.99 5.01 21.90
CA ILE A 314 9.94 4.25 21.09
C ILE A 314 9.40 4.01 19.68
N TYR A 315 8.19 3.49 19.60
CA TYR A 315 7.56 3.20 18.31
C TYR A 315 7.53 4.43 17.41
N ASN A 316 7.10 5.57 17.94
CA ASN A 316 7.01 6.78 17.13
C ASN A 316 8.33 7.49 16.96
N SER A 317 9.31 7.17 17.81
CA SER A 317 10.61 7.80 17.71
C SER A 317 11.35 7.33 16.48
N LEU A 318 11.09 6.09 16.07
CA LEU A 318 11.77 5.54 14.90
C LEU A 318 11.58 6.38 13.65
N LYS A 319 12.61 6.40 12.82
CA LYS A 319 12.59 7.16 11.57
C LYS A 319 12.14 6.26 10.45
N TYR A 320 12.89 5.19 10.20
CA TYR A 320 12.56 4.24 9.13
C TYR A 320 12.16 2.89 9.70
N LYS A 321 10.94 2.47 9.43
CA LYS A 321 10.45 1.17 9.92
C LYS A 321 10.23 0.24 8.72
N TYR A 322 11.33 -0.34 8.24
CA TYR A 322 11.30 -1.23 7.09
C TYR A 322 11.34 -2.71 7.42
N HIS A 323 11.57 -3.05 8.68
CA HIS A 323 11.60 -4.45 9.07
C HIS A 323 10.19 -5.00 8.75
N PRO A 324 10.12 -6.14 8.05
CA PRO A 324 8.81 -6.72 7.71
C PRO A 324 7.83 -6.83 8.88
N GLU A 325 8.35 -7.02 10.10
CA GLU A 325 7.47 -7.15 11.23
C GLU A 325 6.60 -5.93 11.46
N TYR A 326 7.01 -4.79 10.90
CA TYR A 326 6.25 -3.55 11.05
C TYR A 326 4.96 -3.55 10.23
N GLN A 327 4.84 -4.49 9.29
CA GLN A 327 3.60 -4.55 8.52
C GLN A 327 2.50 -4.98 9.47
N TYR A 328 2.89 -5.84 10.42
CA TYR A 328 1.99 -6.31 11.45
C TYR A 328 1.77 -5.18 12.45
N LEU A 329 2.85 -4.72 13.06
CA LEU A 329 2.78 -3.65 14.06
C LEU A 329 2.04 -2.39 13.59
N ASN A 330 2.23 -1.99 12.34
CA ASN A 330 1.55 -0.79 11.84
C ASN A 330 0.04 -0.97 11.73
N ILE A 331 -0.39 -2.21 11.46
CA ILE A 331 -1.81 -2.51 11.35
C ILE A 331 -2.41 -2.40 12.75
N ILE A 332 -1.68 -2.92 13.72
CA ILE A 332 -2.10 -2.87 15.12
C ILE A 332 -2.27 -1.41 15.52
N TYR A 333 -1.25 -0.62 15.23
CA TYR A 333 -1.26 0.79 15.56
C TYR A 333 -2.39 1.51 14.85
N ASP A 334 -2.67 1.10 13.61
CA ASP A 334 -3.73 1.74 12.83
C ASP A 334 -5.11 1.47 13.41
N ILE A 335 -5.27 0.27 13.96
CA ILE A 335 -6.56 -0.10 14.53
C ILE A 335 -6.76 0.57 15.88
N MET A 336 -5.68 0.77 16.63
CA MET A 336 -5.78 1.42 17.94
C MET A 336 -6.09 2.90 17.80
N MET A 337 -5.55 3.51 16.75
CA MET A 337 -5.75 4.94 16.52
C MET A 337 -6.96 5.27 15.68
N ASN A 338 -7.43 4.33 14.86
CA ASN A 338 -8.56 4.61 13.98
C ASN A 338 -9.64 3.54 13.94
N GLY A 339 -9.44 2.45 14.68
CA GLY A 339 -10.41 1.38 14.67
C GLY A 339 -11.84 1.81 14.96
N ASN A 340 -12.77 0.87 14.83
CA ASN A 340 -14.17 1.15 15.11
C ASN A 340 -14.55 0.38 16.35
N LYS A 341 -15.33 0.99 17.22
CA LYS A 341 -15.75 0.33 18.46
C LYS A 341 -16.98 -0.54 18.20
N GLN A 342 -16.86 -1.83 18.46
CA GLN A 342 -17.96 -2.77 18.25
C GLN A 342 -18.03 -3.77 19.40
N SER A 343 -19.12 -4.51 19.47
CA SER A 343 -19.35 -5.49 20.51
C SER A 343 -18.90 -6.89 20.10
N ASP A 344 -18.99 -7.82 21.03
CA ASP A 344 -18.60 -9.21 20.75
C ASP A 344 -19.40 -10.17 21.64
N ARG A 345 -18.81 -11.34 21.90
CA ARG A 345 -19.44 -12.39 22.72
C ARG A 345 -19.57 -12.05 24.18
N THR A 346 -20.74 -11.56 24.56
CA THR A 346 -21.02 -11.22 25.97
C THR A 346 -20.42 -9.90 26.44
N GLY A 347 -20.57 -8.87 25.60
CA GLY A 347 -20.04 -7.55 25.90
C GLY A 347 -18.58 -7.27 25.67
N VAL A 348 -17.83 -8.28 25.21
CA VAL A 348 -16.42 -8.06 24.95
C VAL A 348 -16.22 -7.01 23.88
N GLY A 349 -15.29 -6.09 24.13
CA GLY A 349 -15.06 -5.04 23.17
C GLY A 349 -13.91 -5.24 22.22
N VAL A 350 -14.05 -4.75 20.99
CA VAL A 350 -13.00 -4.85 20.00
C VAL A 350 -12.97 -3.59 19.15
N LEU A 351 -11.80 -3.31 18.60
CA LEU A 351 -11.60 -2.18 17.70
C LEU A 351 -11.38 -2.88 16.37
N SER A 352 -12.04 -2.41 15.32
CA SER A 352 -11.90 -3.06 14.03
C SER A 352 -11.85 -2.13 12.84
N LYS A 353 -11.21 -2.63 11.78
CA LYS A 353 -11.09 -1.92 10.50
C LYS A 353 -11.35 -2.99 9.44
N PHE A 354 -11.47 -2.57 8.19
CA PHE A 354 -11.78 -3.52 7.14
C PHE A 354 -10.84 -3.47 5.94
N GLY A 355 -10.11 -4.56 5.74
CA GLY A 355 -9.21 -4.65 4.60
C GLY A 355 -7.77 -4.22 4.76
N TYR A 356 -6.89 -5.19 5.00
CA TYR A 356 -5.45 -4.92 5.14
C TYR A 356 -4.70 -5.94 4.34
N ILE A 357 -3.41 -5.70 4.16
CA ILE A 357 -2.59 -6.64 3.41
C ILE A 357 -1.16 -6.62 3.90
N MET A 358 -0.58 -7.81 4.05
CA MET A 358 0.81 -7.94 4.48
C MET A 358 1.55 -8.82 3.50
N LYS A 359 2.81 -8.49 3.26
CA LYS A 359 3.62 -9.27 2.33
C LYS A 359 4.93 -9.72 2.96
N PHE A 360 5.25 -10.99 2.77
CA PHE A 360 6.47 -11.52 3.35
C PHE A 360 7.30 -12.28 2.32
N ASP A 361 8.56 -11.88 2.18
CA ASP A 361 9.45 -12.52 1.25
C ASP A 361 10.05 -13.74 1.92
N LEU A 362 9.45 -14.90 1.67
CA LEU A 362 9.91 -16.15 2.26
C LEU A 362 11.30 -16.61 1.76
N SER A 363 11.81 -15.99 0.70
CA SER A 363 13.13 -16.36 0.19
C SER A 363 14.22 -15.68 1.01
N GLN A 364 13.82 -14.67 1.78
CA GLN A 364 14.76 -13.91 2.59
C GLN A 364 14.64 -14.18 4.10
N TYR A 365 13.54 -14.80 4.52
CA TYR A 365 13.34 -15.05 5.94
C TYR A 365 12.02 -15.74 6.28
N PHE A 366 11.96 -16.33 7.47
CA PHE A 366 10.74 -16.94 7.97
C PHE A 366 10.18 -15.87 8.90
N PRO A 367 9.02 -15.29 8.55
CA PRO A 367 8.38 -14.25 9.35
C PRO A 367 7.74 -14.62 10.68
N LEU A 368 8.53 -15.12 11.62
CA LEU A 368 7.99 -15.49 12.93
C LEU A 368 8.16 -14.21 13.77
N LEU A 369 7.07 -13.63 14.23
CA LEU A 369 7.16 -12.40 15.02
C LEU A 369 8.22 -12.49 16.11
N THR A 370 8.95 -11.39 16.28
CA THR A 370 10.02 -11.35 17.26
C THR A 370 9.80 -10.42 18.42
N THR A 371 8.77 -9.58 18.35
CA THR A 371 8.49 -8.66 19.43
C THR A 371 7.77 -9.35 20.59
N LYS A 372 7.70 -10.67 20.52
CA LYS A 372 7.09 -11.49 21.55
C LYS A 372 7.40 -12.94 21.21
N LYS A 373 7.44 -13.81 22.21
CA LYS A 373 7.75 -15.21 21.96
C LYS A 373 6.59 -16.00 21.37
N LEU A 374 6.93 -16.89 20.43
CA LEU A 374 5.95 -17.72 19.77
C LEU A 374 6.44 -19.15 19.62
N PHE A 375 5.58 -20.11 19.94
CA PHE A 375 5.92 -21.53 19.81
C PHE A 375 5.17 -22.04 18.58
N LEU A 376 5.79 -22.90 17.79
CA LEU A 376 5.16 -23.41 16.58
C LEU A 376 4.84 -24.90 16.55
N ARG A 377 5.10 -25.63 17.63
CA ARG A 377 4.83 -27.06 17.61
C ARG A 377 3.33 -27.24 17.37
N GLY A 378 2.54 -26.44 18.07
CA GLY A 378 1.10 -26.51 17.95
C GLY A 378 0.58 -26.25 16.55
N ILE A 379 0.87 -25.09 15.98
CA ILE A 379 0.36 -24.79 14.67
C ILE A 379 0.93 -25.68 13.57
N ILE A 380 2.02 -26.39 13.84
CA ILE A 380 2.57 -27.29 12.83
C ILE A 380 1.77 -28.59 12.87
N GLU A 381 1.54 -29.09 14.08
CA GLU A 381 0.77 -30.32 14.23
C GLU A 381 -0.60 -30.08 13.59
N GLU A 382 -1.22 -28.95 13.93
CA GLU A 382 -2.53 -28.59 13.37
C GLU A 382 -2.50 -28.71 11.84
N LEU A 383 -1.46 -28.15 11.25
CA LEU A 383 -1.28 -28.18 9.81
C LEU A 383 -1.20 -29.61 9.24
N LEU A 384 -0.52 -30.51 9.96
CA LEU A 384 -0.38 -31.89 9.50
C LEU A 384 -1.73 -32.57 9.69
N TRP A 385 -2.44 -32.13 10.73
CA TRP A 385 -3.77 -32.63 11.04
C TRP A 385 -4.67 -32.23 9.87
N PHE A 386 -4.54 -30.99 9.41
CA PHE A 386 -5.32 -30.48 8.28
C PHE A 386 -5.03 -31.31 7.03
N ILE A 387 -3.75 -31.47 6.72
CA ILE A 387 -3.32 -32.20 5.54
C ILE A 387 -3.84 -33.61 5.51
N ARG A 388 -3.92 -34.24 6.68
CA ARG A 388 -4.42 -35.61 6.78
C ARG A 388 -5.93 -35.65 6.66
N GLY A 389 -6.56 -34.48 6.53
CA GLY A 389 -8.00 -34.40 6.41
C GLY A 389 -8.73 -34.72 7.71
N GLU A 390 -8.05 -34.64 8.84
CA GLU A 390 -8.67 -34.95 10.12
C GLU A 390 -9.63 -33.90 10.66
N THR A 391 -10.60 -34.38 11.44
CA THR A 391 -11.59 -33.52 12.08
C THR A 391 -11.74 -33.94 13.54
N ASN A 392 -10.89 -34.88 13.95
CA ASN A 392 -10.88 -35.42 15.31
C ASN A 392 -10.02 -34.60 16.28
N GLY A 393 -10.66 -33.74 17.07
CA GLY A 393 -9.93 -32.92 18.01
C GLY A 393 -9.12 -33.70 19.05
N ASN A 394 -9.43 -34.97 19.23
CA ASN A 394 -8.71 -35.80 20.21
C ASN A 394 -7.29 -36.01 19.76
N THR A 395 -7.11 -36.13 18.45
CA THR A 395 -5.79 -36.34 17.88
C THR A 395 -4.83 -35.25 18.33
N LEU A 396 -5.29 -34.00 18.30
CA LEU A 396 -4.47 -32.89 18.73
C LEU A 396 -4.28 -32.88 20.23
N LEU A 397 -5.36 -33.12 20.97
CA LEU A 397 -5.27 -33.14 22.43
C LEU A 397 -4.26 -34.17 22.95
N ASN A 398 -4.14 -35.30 22.25
CA ASN A 398 -3.20 -36.35 22.64
C ASN A 398 -1.76 -35.97 22.32
N LYS A 399 -1.56 -34.80 21.73
CA LYS A 399 -0.23 -34.30 21.40
C LYS A 399 -0.08 -33.02 22.20
N ASN A 400 -0.97 -32.85 23.15
CA ASN A 400 -1.02 -31.68 24.03
C ASN A 400 -1.13 -30.36 23.26
N VAL A 401 -1.91 -30.39 22.18
CA VAL A 401 -2.16 -29.23 21.36
C VAL A 401 -3.62 -28.89 21.65
N ARG A 402 -3.87 -27.71 22.20
CA ARG A 402 -5.22 -27.33 22.58
C ARG A 402 -5.83 -26.20 21.77
N ILE A 403 -5.31 -25.97 20.56
CA ILE A 403 -5.83 -24.93 19.69
C ILE A 403 -7.34 -25.07 19.44
N TRP A 404 -7.82 -26.29 19.27
CA TRP A 404 -9.23 -26.56 18.99
C TRP A 404 -10.07 -27.06 20.16
N GLU A 405 -9.48 -27.12 21.34
CA GLU A 405 -10.15 -27.62 22.53
C GLU A 405 -11.48 -26.91 22.84
N ALA A 406 -11.43 -25.60 23.04
CA ALA A 406 -12.64 -24.84 23.35
C ALA A 406 -13.79 -25.02 22.37
N ASN A 407 -13.47 -25.18 21.09
CA ASN A 407 -14.49 -25.34 20.06
C ASN A 407 -15.08 -26.75 19.93
N GLY A 408 -14.58 -27.69 20.74
CA GLY A 408 -15.08 -29.05 20.69
C GLY A 408 -15.77 -29.56 21.94
N THR A 409 -16.03 -28.69 22.92
CA THR A 409 -16.70 -29.12 24.15
C THR A 409 -18.19 -29.36 23.94
N ARG A 410 -18.80 -30.06 24.90
CA ARG A 410 -20.22 -30.34 24.84
C ARG A 410 -20.98 -29.04 24.79
N GLU A 411 -20.62 -28.14 25.69
CA GLU A 411 -21.27 -26.85 25.78
C GLU A 411 -21.15 -26.09 24.47
N PHE A 412 -19.95 -26.08 23.89
CA PHE A 412 -19.77 -25.36 22.64
C PHE A 412 -20.57 -25.98 21.51
N LEU A 413 -20.50 -27.30 21.37
CA LEU A 413 -21.24 -27.99 20.32
C LEU A 413 -22.74 -27.77 20.45
N ASP A 414 -23.27 -27.85 21.68
CA ASP A 414 -24.70 -27.64 21.87
C ASP A 414 -25.08 -26.23 21.48
N ASN A 415 -24.28 -25.26 21.91
CA ASN A 415 -24.57 -23.87 21.58
C ASN A 415 -24.65 -23.69 20.06
N ARG A 416 -23.94 -24.55 19.32
CA ARG A 416 -23.94 -24.50 17.85
C ARG A 416 -25.07 -25.33 17.26
N LYS A 417 -25.86 -25.95 18.14
CA LYS A 417 -27.01 -26.78 17.76
C LYS A 417 -26.57 -28.15 17.24
N LEU A 418 -25.32 -28.50 17.48
CA LEU A 418 -24.78 -29.78 17.04
C LEU A 418 -24.94 -30.76 18.20
N PHE A 419 -26.19 -30.98 18.59
CA PHE A 419 -26.49 -31.85 19.73
C PHE A 419 -26.09 -33.30 19.57
N HIS A 420 -26.06 -33.78 18.33
CA HIS A 420 -25.71 -35.17 18.06
C HIS A 420 -24.27 -35.38 17.66
N ARG A 421 -23.44 -34.37 17.91
CA ARG A 421 -22.03 -34.44 17.60
C ARG A 421 -21.25 -34.85 18.85
N GLU A 422 -20.36 -35.83 18.72
CA GLU A 422 -19.54 -36.30 19.85
C GLU A 422 -18.57 -35.20 20.22
N VAL A 423 -18.24 -35.10 21.51
CA VAL A 423 -17.29 -34.08 21.96
C VAL A 423 -16.00 -34.21 21.17
N ASN A 424 -15.52 -33.08 20.69
CA ASN A 424 -14.30 -33.00 19.89
C ASN A 424 -14.45 -33.45 18.43
N ASP A 425 -15.68 -33.73 18.00
CA ASP A 425 -15.89 -34.08 16.60
C ASP A 425 -16.21 -32.72 15.96
N LEU A 426 -15.17 -32.04 15.49
CA LEU A 426 -15.32 -30.70 14.92
C LEU A 426 -16.22 -30.55 13.67
N GLY A 427 -16.51 -31.67 13.03
CA GLY A 427 -17.36 -31.62 11.85
C GLY A 427 -16.53 -31.42 10.60
N PRO A 428 -17.19 -31.10 9.47
CA PRO A 428 -16.58 -30.87 8.16
C PRO A 428 -15.74 -29.59 8.05
N ILE A 429 -14.69 -29.49 8.86
CA ILE A 429 -13.83 -28.30 8.81
C ILE A 429 -12.61 -28.46 7.92
N TYR A 430 -11.76 -27.43 7.91
CA TYR A 430 -10.54 -27.40 7.12
C TYR A 430 -10.10 -28.73 6.50
N GLY A 431 -9.48 -29.58 7.31
CA GLY A 431 -9.02 -30.89 6.84
C GLY A 431 -9.95 -31.58 5.88
N PHE A 432 -11.20 -31.75 6.32
CA PHE A 432 -12.24 -32.38 5.52
C PHE A 432 -12.46 -31.67 4.19
N GLN A 433 -12.68 -30.36 4.22
CA GLN A 433 -12.89 -29.61 2.98
C GLN A 433 -11.68 -29.70 2.05
N TRP A 434 -10.48 -29.78 2.63
CA TRP A 434 -9.25 -29.88 1.85
C TRP A 434 -9.14 -31.19 1.08
N ARG A 435 -9.57 -32.28 1.70
CA ARG A 435 -9.44 -33.58 1.07
C ARG A 435 -10.74 -34.18 0.55
N HIS A 436 -11.88 -33.66 0.99
CA HIS A 436 -13.19 -34.21 0.61
C HIS A 436 -14.32 -33.21 0.38
N PHE A 437 -13.99 -32.01 -0.08
CA PHE A 437 -15.03 -31.01 -0.31
C PHE A 437 -16.16 -31.63 -1.11
N GLY A 438 -17.38 -31.52 -0.58
CA GLY A 438 -18.53 -32.08 -1.25
C GLY A 438 -19.11 -33.34 -0.65
N ALA A 439 -18.30 -34.15 0.03
CA ALA A 439 -18.78 -35.39 0.63
C ALA A 439 -19.66 -35.15 1.86
N GLU A 440 -20.56 -36.09 2.14
CA GLU A 440 -21.44 -35.99 3.28
C GLU A 440 -20.68 -36.34 4.56
N TYR A 441 -20.68 -35.41 5.51
CA TYR A 441 -20.01 -35.66 6.77
C TYR A 441 -20.91 -36.55 7.63
N THR A 442 -20.31 -37.54 8.28
CA THR A 442 -21.04 -38.44 9.16
C THR A 442 -20.46 -38.23 10.55
N ASN A 443 -19.27 -38.75 10.80
CA ASN A 443 -18.59 -38.57 12.09
C ASN A 443 -17.08 -38.62 11.86
N MET A 444 -16.31 -38.06 12.80
CA MET A 444 -14.85 -38.01 12.70
C MET A 444 -14.13 -39.34 12.52
N TYR A 445 -14.82 -40.46 12.70
CA TYR A 445 -14.19 -41.77 12.55
C TYR A 445 -14.46 -42.45 11.21
N ASP A 446 -15.41 -41.93 10.45
CA ASP A 446 -15.73 -42.56 9.18
C ASP A 446 -14.55 -42.54 8.21
N ASN A 447 -14.65 -43.41 7.21
CA ASN A 447 -13.64 -43.51 6.16
C ASN A 447 -14.17 -42.70 4.98
N TYR A 448 -13.47 -41.65 4.60
CA TYR A 448 -13.93 -40.83 3.48
C TYR A 448 -13.10 -41.03 2.22
N GLU A 449 -12.38 -42.14 2.16
CA GLU A 449 -11.52 -42.46 1.03
C GLU A 449 -12.26 -42.28 -0.30
N ASN A 450 -11.69 -41.45 -1.17
CA ASN A 450 -12.24 -41.15 -2.48
C ASN A 450 -13.63 -40.52 -2.50
N LYS A 451 -13.95 -39.77 -1.46
CA LYS A 451 -15.24 -39.09 -1.35
C LYS A 451 -14.98 -37.59 -1.36
N GLY A 452 -15.76 -36.87 -2.15
CA GLY A 452 -15.56 -35.44 -2.22
C GLY A 452 -14.37 -35.12 -3.11
N VAL A 453 -14.08 -33.83 -3.23
CA VAL A 453 -12.97 -33.38 -4.06
C VAL A 453 -11.71 -33.22 -3.24
N ASP A 454 -10.62 -33.85 -3.70
CA ASP A 454 -9.35 -33.75 -3.00
C ASP A 454 -8.64 -32.50 -3.54
N GLN A 455 -9.02 -31.34 -3.00
CA GLN A 455 -8.45 -30.08 -3.42
C GLN A 455 -6.95 -30.04 -3.28
N LEU A 456 -6.46 -30.51 -2.14
CA LEU A 456 -5.04 -30.50 -1.89
C LEU A 456 -4.27 -31.19 -3.01
N LYS A 457 -4.63 -32.44 -3.28
CA LYS A 457 -3.97 -33.18 -4.34
C LYS A 457 -4.10 -32.42 -5.65
N ASN A 458 -5.28 -31.89 -5.91
CA ASN A 458 -5.52 -31.18 -7.15
C ASN A 458 -4.64 -29.95 -7.36
N ILE A 459 -4.53 -29.10 -6.33
CA ILE A 459 -3.73 -27.90 -6.48
C ILE A 459 -2.26 -28.23 -6.68
N ILE A 460 -1.84 -29.38 -6.15
CA ILE A 460 -0.46 -29.82 -6.30
C ILE A 460 -0.20 -30.27 -7.73
N ASN A 461 -1.19 -30.89 -8.36
CA ASN A 461 -1.03 -31.33 -9.74
C ASN A 461 -1.01 -30.14 -10.70
N LEU A 462 -1.79 -29.11 -10.40
CA LEU A 462 -1.85 -27.91 -11.23
C LEU A 462 -0.52 -27.16 -11.18
N ILE A 463 0.04 -27.10 -9.98
CA ILE A 463 1.32 -26.42 -9.78
C ILE A 463 2.43 -27.15 -10.52
N LYS A 464 2.27 -28.46 -10.63
CA LYS A 464 3.26 -29.31 -11.31
C LYS A 464 3.06 -29.43 -12.81
N ASN A 465 1.80 -29.54 -13.24
CA ASN A 465 1.53 -29.73 -14.65
C ASN A 465 0.92 -28.57 -15.43
N ASP A 466 0.41 -27.57 -14.74
CA ASP A 466 -0.18 -26.43 -15.43
C ASP A 466 0.10 -25.21 -14.56
N PRO A 467 1.39 -24.98 -14.24
CA PRO A 467 1.86 -23.87 -13.41
C PRO A 467 1.32 -22.47 -13.70
N THR A 468 0.93 -22.21 -14.95
CA THR A 468 0.43 -20.88 -15.27
C THR A 468 -1.05 -20.75 -14.99
N SER A 469 -1.66 -21.85 -14.55
CA SER A 469 -3.09 -21.84 -14.25
C SER A 469 -3.42 -20.73 -13.27
N ARG A 470 -4.57 -20.11 -13.46
CA ARG A 470 -5.04 -19.03 -12.61
C ARG A 470 -6.20 -19.59 -11.79
N ARG A 471 -6.16 -20.90 -11.58
CA ARG A 471 -7.19 -21.62 -10.86
C ARG A 471 -6.67 -22.43 -9.68
N ILE A 472 -5.40 -22.25 -9.34
CA ILE A 472 -4.82 -22.99 -8.23
C ILE A 472 -5.28 -22.40 -6.89
N LEU A 473 -6.50 -22.74 -6.48
CA LEU A 473 -7.03 -22.24 -5.22
C LEU A 473 -7.49 -23.36 -4.30
N LEU A 474 -7.29 -23.16 -3.01
CA LEU A 474 -7.70 -24.10 -1.98
C LEU A 474 -8.76 -23.31 -1.18
N CYS A 475 -9.96 -23.86 -1.08
CA CYS A 475 -11.06 -23.17 -0.40
C CYS A 475 -11.72 -24.00 0.70
N ALA A 476 -11.71 -23.48 1.92
CA ALA A 476 -12.30 -24.19 3.05
C ALA A 476 -13.71 -23.69 3.37
N TRP A 477 -14.14 -22.64 2.69
CA TRP A 477 -15.45 -22.06 2.93
C TRP A 477 -16.55 -22.76 2.13
N ASN A 478 -16.92 -23.94 2.59
CA ASN A 478 -17.97 -24.72 1.94
C ASN A 478 -19.29 -24.22 2.49
N VAL A 479 -19.93 -23.33 1.73
CA VAL A 479 -21.20 -22.71 2.11
C VAL A 479 -22.27 -23.68 2.60
N LYS A 480 -22.26 -24.90 2.09
CA LYS A 480 -23.27 -25.87 2.48
C LYS A 480 -23.04 -26.49 3.85
N ASP A 481 -21.78 -26.61 4.23
CA ASP A 481 -21.40 -27.25 5.48
C ASP A 481 -21.13 -26.32 6.64
N LEU A 482 -21.16 -25.02 6.39
CA LEU A 482 -20.89 -24.06 7.45
C LEU A 482 -21.53 -24.42 8.80
N ASP A 483 -22.84 -24.57 8.83
CA ASP A 483 -23.54 -24.89 10.08
C ASP A 483 -23.10 -26.19 10.72
N GLN A 484 -22.60 -27.12 9.92
CA GLN A 484 -22.18 -28.40 10.46
C GLN A 484 -20.81 -28.29 11.08
N MET A 485 -20.13 -27.18 10.80
CA MET A 485 -18.80 -26.97 11.33
C MET A 485 -18.89 -26.47 12.75
N ALA A 486 -18.00 -26.96 13.61
CA ALA A 486 -17.97 -26.51 14.99
C ALA A 486 -17.90 -24.99 14.92
N LEU A 487 -17.09 -24.51 13.97
CA LEU A 487 -16.90 -23.08 13.76
C LEU A 487 -16.57 -22.87 12.27
N PRO A 488 -17.13 -21.82 11.65
CA PRO A 488 -16.84 -21.58 10.23
C PRO A 488 -15.35 -21.21 10.09
N PRO A 489 -14.72 -21.55 8.96
CA PRO A 489 -13.29 -21.22 8.78
C PRO A 489 -12.98 -19.72 8.72
N CYS A 490 -11.88 -19.32 9.35
CA CYS A 490 -11.47 -17.93 9.36
C CYS A 490 -10.59 -17.69 8.13
N HIS A 491 -9.82 -18.72 7.78
CA HIS A 491 -8.94 -18.68 6.63
C HIS A 491 -9.72 -19.31 5.50
N ILE A 492 -10.34 -18.45 4.70
CA ILE A 492 -11.20 -18.84 3.61
C ILE A 492 -10.55 -19.56 2.44
N LEU A 493 -9.46 -19.01 1.93
CA LEU A 493 -8.83 -19.62 0.78
C LEU A 493 -7.36 -19.23 0.55
N CYS A 494 -6.72 -20.02 -0.32
CA CYS A 494 -5.34 -19.85 -0.73
C CYS A 494 -5.26 -19.90 -2.24
N GLN A 495 -4.56 -18.96 -2.84
CA GLN A 495 -4.36 -19.03 -4.27
C GLN A 495 -2.86 -19.11 -4.45
N PHE A 496 -2.42 -19.92 -5.40
CA PHE A 496 -1.00 -20.03 -5.64
C PHE A 496 -0.64 -19.42 -6.98
N TYR A 497 0.61 -19.00 -7.10
CA TYR A 497 1.12 -18.37 -8.30
C TYR A 497 2.52 -18.93 -8.55
N VAL A 498 2.77 -19.33 -9.79
CA VAL A 498 4.07 -19.89 -10.15
C VAL A 498 4.76 -19.16 -11.29
N PHE A 499 6.02 -18.81 -11.06
CA PHE A 499 6.83 -18.15 -12.08
C PHE A 499 8.31 -18.35 -11.83
N ASP A 500 9.02 -18.72 -12.89
CA ASP A 500 10.46 -18.91 -12.84
C ASP A 500 10.89 -19.83 -11.69
N GLY A 501 10.21 -20.96 -11.56
CA GLY A 501 10.55 -21.90 -10.51
C GLY A 501 10.21 -21.47 -9.10
N LYS A 502 9.55 -20.32 -8.97
CA LYS A 502 9.21 -19.81 -7.66
C LYS A 502 7.70 -19.83 -7.37
N LEU A 503 7.35 -20.16 -6.13
CA LEU A 503 5.96 -20.26 -5.68
C LEU A 503 5.55 -19.16 -4.70
N SER A 504 4.47 -18.47 -5.01
CA SER A 504 3.94 -17.42 -4.14
C SER A 504 2.53 -17.86 -3.73
N CYS A 505 2.03 -17.30 -2.63
CA CYS A 505 0.72 -17.66 -2.13
C CYS A 505 0.01 -16.48 -1.49
N ILE A 506 -1.29 -16.40 -1.76
CA ILE A 506 -2.15 -15.36 -1.20
C ILE A 506 -3.17 -16.12 -0.36
N MET A 507 -3.43 -15.63 0.84
CA MET A 507 -4.41 -16.25 1.71
C MET A 507 -5.38 -15.17 2.17
N TYR A 508 -6.66 -15.43 2.02
CA TYR A 508 -7.68 -14.48 2.43
C TYR A 508 -8.29 -14.90 3.75
N GLN A 509 -8.20 -14.03 4.74
CA GLN A 509 -8.75 -14.33 6.06
C GLN A 509 -9.92 -13.37 6.31
N ARG A 510 -11.11 -13.95 6.55
CA ARG A 510 -12.31 -13.15 6.74
C ARG A 510 -12.39 -12.40 8.07
N SER A 511 -11.89 -13.06 9.12
CA SER A 511 -11.91 -12.51 10.46
C SER A 511 -10.52 -12.69 11.07
N CYS A 512 -9.96 -11.58 11.54
CA CYS A 512 -8.61 -11.63 12.08
C CYS A 512 -8.42 -11.06 13.48
N ASP A 513 -7.89 -11.89 14.37
CA ASP A 513 -7.62 -11.46 15.74
C ASP A 513 -6.14 -11.10 15.78
N LEU A 514 -5.86 -9.83 15.55
CA LEU A 514 -4.49 -9.34 15.52
C LEU A 514 -3.64 -9.62 16.75
N GLY A 515 -4.24 -9.52 17.94
CA GLY A 515 -3.49 -9.78 19.16
C GLY A 515 -3.00 -11.21 19.34
N LEU A 516 -3.87 -12.19 19.09
CA LEU A 516 -3.49 -13.59 19.25
C LEU A 516 -3.37 -14.42 17.98
N GLY A 517 -4.43 -14.44 17.18
CA GLY A 517 -4.43 -15.22 15.97
C GLY A 517 -3.42 -14.94 14.89
N VAL A 518 -3.50 -13.75 14.31
CA VAL A 518 -2.62 -13.31 13.21
C VAL A 518 -1.16 -13.73 13.30
N PRO A 519 -0.53 -13.58 14.48
CA PRO A 519 0.87 -13.99 14.54
C PRO A 519 1.05 -15.46 14.14
N PHE A 520 0.13 -16.32 14.57
CA PHE A 520 0.21 -17.74 14.25
C PHE A 520 -0.24 -18.03 12.81
N ASN A 521 -1.21 -17.24 12.33
CA ASN A 521 -1.74 -17.42 10.99
C ASN A 521 -0.65 -17.20 9.96
N ILE A 522 0.14 -16.14 10.18
CA ILE A 522 1.24 -15.80 9.30
C ILE A 522 2.26 -16.93 9.26
N ALA A 523 2.61 -17.47 10.41
CA ALA A 523 3.57 -18.55 10.46
C ALA A 523 3.01 -19.83 9.81
N SER A 524 1.76 -20.17 10.13
CA SER A 524 1.13 -21.36 9.55
C SER A 524 1.24 -21.38 8.02
N TYR A 525 0.69 -20.36 7.37
CA TYR A 525 0.71 -20.30 5.92
C TYR A 525 2.06 -20.12 5.27
N SER A 526 3.02 -19.59 6.03
CA SER A 526 4.37 -19.44 5.50
C SER A 526 4.94 -20.84 5.41
N ILE A 527 4.69 -21.66 6.44
CA ILE A 527 5.18 -23.03 6.47
C ILE A 527 4.51 -23.85 5.38
N PHE A 528 3.21 -23.63 5.18
CA PHE A 528 2.47 -24.36 4.17
C PHE A 528 3.01 -24.02 2.79
N THR A 529 3.34 -22.74 2.57
CA THR A 529 3.88 -22.35 1.28
C THR A 529 5.20 -23.09 1.05
N HIS A 530 6.00 -23.22 2.11
CA HIS A 530 7.26 -23.94 2.03
C HIS A 530 7.00 -25.38 1.65
N MET A 531 6.12 -26.04 2.40
CA MET A 531 5.79 -27.43 2.13
C MET A 531 5.32 -27.64 0.69
N ILE A 532 4.32 -26.87 0.26
CA ILE A 532 3.83 -27.02 -1.10
C ILE A 532 4.94 -26.78 -2.12
N ALA A 533 5.75 -25.74 -1.90
CA ALA A 533 6.83 -25.43 -2.83
C ALA A 533 7.80 -26.59 -2.93
N GLN A 534 8.13 -27.18 -1.79
CA GLN A 534 9.09 -28.28 -1.80
C GLN A 534 8.63 -29.56 -2.50
N VAL A 535 7.40 -30.00 -2.27
CA VAL A 535 6.94 -31.23 -2.92
C VAL A 535 6.65 -31.00 -4.40
N CYS A 536 6.77 -29.74 -4.82
CA CYS A 536 6.54 -29.36 -6.20
C CYS A 536 7.84 -28.93 -6.87
N ASN A 537 8.96 -29.17 -6.18
CA ASN A 537 10.28 -28.82 -6.68
C ASN A 537 10.42 -27.33 -6.99
N LEU A 538 9.72 -26.50 -6.24
CA LEU A 538 9.79 -25.06 -6.43
C LEU A 538 10.46 -24.40 -5.23
N GLN A 539 10.70 -23.10 -5.34
CA GLN A 539 11.32 -22.33 -4.26
C GLN A 539 10.26 -21.38 -3.72
N PRO A 540 10.13 -21.29 -2.39
CA PRO A 540 9.12 -20.38 -1.85
C PRO A 540 9.47 -18.93 -2.11
N ALA A 541 8.45 -18.12 -2.40
CA ALA A 541 8.65 -16.71 -2.66
C ALA A 541 7.85 -15.84 -1.68
N GLN A 542 6.78 -15.22 -2.17
CA GLN A 542 5.96 -14.34 -1.33
C GLN A 542 4.72 -14.92 -0.67
N PHE A 543 4.61 -14.76 0.65
CA PHE A 543 3.38 -15.16 1.32
C PHE A 543 2.66 -13.82 1.45
N ILE A 544 1.48 -13.72 0.83
CA ILE A 544 0.69 -12.49 0.88
C ILE A 544 -0.56 -12.76 1.69
N HIS A 545 -0.72 -11.99 2.76
CA HIS A 545 -1.84 -12.15 3.67
C HIS A 545 -2.88 -11.03 3.52
N VAL A 546 -4.11 -11.42 3.19
CA VAL A 546 -5.18 -10.45 3.04
C VAL A 546 -6.13 -10.52 4.23
N LEU A 547 -6.33 -9.38 4.87
CA LEU A 547 -7.19 -9.32 6.04
C LEU A 547 -8.51 -8.64 5.72
N GLY A 548 -9.60 -9.31 6.07
CA GLY A 548 -10.92 -8.72 5.84
C GLY A 548 -11.26 -7.92 7.07
N ASN A 549 -12.02 -8.54 7.96
CA ASN A 549 -12.40 -7.89 9.21
C ASN A 549 -11.21 -8.06 10.16
N ALA A 550 -10.46 -6.98 10.35
CA ALA A 550 -9.29 -7.03 11.24
C ALA A 550 -9.68 -6.38 12.55
N HIS A 551 -9.51 -7.11 13.64
CA HIS A 551 -9.87 -6.56 14.94
C HIS A 551 -8.89 -6.82 16.08
N VAL A 552 -8.98 -5.95 17.08
CA VAL A 552 -8.14 -6.05 18.27
C VAL A 552 -9.09 -6.07 19.46
N TYR A 553 -8.96 -7.08 20.30
CA TYR A 553 -9.80 -7.18 21.50
C TYR A 553 -9.24 -6.17 22.49
N ASN A 554 -10.10 -5.40 23.14
CA ASN A 554 -9.62 -4.41 24.10
C ASN A 554 -8.76 -5.02 25.21
N ASN A 555 -9.10 -6.22 25.62
CA ASN A 555 -8.33 -6.88 26.67
C ASN A 555 -6.87 -7.03 26.25
N HIS A 556 -6.60 -6.78 24.97
CA HIS A 556 -5.25 -6.91 24.43
C HIS A 556 -4.49 -5.60 24.25
N ILE A 557 -5.18 -4.47 24.28
CA ILE A 557 -4.55 -3.17 24.07
C ILE A 557 -3.30 -2.86 24.89
N ASP A 558 -3.33 -3.07 26.20
CA ASP A 558 -2.15 -2.77 27.01
C ASP A 558 -0.96 -3.66 26.63
N SER A 559 -1.24 -4.92 26.32
CA SER A 559 -0.17 -5.83 25.92
C SER A 559 0.41 -5.41 24.58
N LEU A 560 -0.44 -4.97 23.68
CA LEU A 560 0.01 -4.54 22.36
C LEU A 560 0.75 -3.20 22.42
N LYS A 561 0.35 -2.32 23.33
CA LYS A 561 1.03 -1.03 23.48
C LYS A 561 2.48 -1.33 23.86
N ILE A 562 2.67 -2.33 24.72
CA ILE A 562 4.01 -2.71 25.13
C ILE A 562 4.80 -3.21 23.92
N GLN A 563 4.25 -4.21 23.24
CA GLN A 563 4.86 -4.81 22.05
C GLN A 563 5.27 -3.80 20.98
N LEU A 564 4.41 -2.82 20.72
CA LEU A 564 4.71 -1.81 19.73
C LEU A 564 5.95 -1.01 20.08
N ASN A 565 6.39 -1.09 21.33
CA ASN A 565 7.57 -0.35 21.75
C ASN A 565 8.82 -1.20 21.85
N ARG A 566 8.73 -2.41 21.32
CA ARG A 566 9.88 -3.31 21.29
C ARG A 566 10.40 -3.24 19.85
N ILE A 567 11.73 -3.28 19.69
CA ILE A 567 12.32 -3.23 18.36
C ILE A 567 12.48 -4.65 17.85
N PRO A 568 12.06 -4.91 16.61
CA PRO A 568 12.19 -6.27 16.06
C PRO A 568 13.63 -6.72 15.85
N TYR A 569 13.86 -8.03 15.95
CA TYR A 569 15.16 -8.64 15.72
C TYR A 569 15.09 -9.25 14.32
N PRO A 570 16.25 -9.54 13.71
CA PRO A 570 16.13 -10.14 12.38
C PRO A 570 15.40 -11.48 12.51
N PHE A 571 14.59 -11.80 11.51
CA PHE A 571 13.82 -13.04 11.51
C PHE A 571 14.70 -14.27 11.45
N PRO A 572 14.16 -15.43 11.86
CA PRO A 572 14.90 -16.69 11.83
C PRO A 572 14.66 -17.30 10.46
N THR A 573 15.03 -18.56 10.28
CA THR A 573 14.81 -19.22 9.00
C THR A 573 14.09 -20.52 9.27
N LEU A 574 13.49 -21.09 8.23
CA LEU A 574 12.77 -22.35 8.38
C LEU A 574 13.47 -23.43 7.54
N LYS A 575 13.75 -24.56 8.18
CA LYS A 575 14.41 -25.66 7.49
C LYS A 575 13.52 -26.87 7.42
N LEU A 576 13.36 -27.40 6.21
CA LEU A 576 12.56 -28.58 6.01
C LEU A 576 13.41 -29.73 5.52
N ASN A 577 13.18 -30.90 6.08
CA ASN A 577 13.88 -32.12 5.68
C ASN A 577 13.69 -32.17 4.17
N PRO A 578 14.80 -32.09 3.39
CA PRO A 578 14.75 -32.12 1.93
C PRO A 578 14.26 -33.42 1.29
N ASP A 579 14.22 -34.49 2.07
CA ASP A 579 13.79 -35.78 1.54
C ASP A 579 12.28 -35.92 1.37
N ILE A 580 11.51 -35.20 2.18
CA ILE A 580 10.05 -35.28 2.07
C ILE A 580 9.63 -34.68 0.73
N LYS A 581 9.06 -35.50 -0.15
CA LYS A 581 8.64 -35.04 -1.48
C LYS A 581 7.14 -35.18 -1.74
N ASN A 582 6.37 -35.56 -0.73
CA ASN A 582 4.93 -35.69 -0.88
C ASN A 582 4.30 -34.93 0.27
N ILE A 583 3.36 -34.05 -0.06
CA ILE A 583 2.69 -33.21 0.93
C ILE A 583 2.21 -33.98 2.15
N GLU A 584 1.96 -35.28 1.96
CA GLU A 584 1.46 -36.13 3.03
C GLU A 584 2.52 -36.82 3.90
N ASP A 585 3.77 -36.82 3.45
CA ASP A 585 4.83 -37.48 4.22
C ASP A 585 5.58 -36.65 5.28
N PHE A 586 5.06 -35.48 5.65
CA PHE A 586 5.76 -34.67 6.64
C PHE A 586 5.41 -35.06 8.08
N THR A 587 6.38 -34.89 8.98
CA THR A 587 6.17 -35.20 10.39
C THR A 587 6.79 -34.05 11.20
N ILE A 588 6.38 -33.90 12.45
CA ILE A 588 6.88 -32.80 13.27
C ILE A 588 8.40 -32.63 13.30
N SER A 589 9.14 -33.74 13.19
CA SER A 589 10.60 -33.69 13.22
C SER A 589 11.22 -33.23 11.89
N ASP A 590 10.38 -32.93 10.91
CA ASP A 590 10.89 -32.46 9.63
C ASP A 590 10.94 -30.95 9.55
N PHE A 591 10.51 -30.28 10.62
CA PHE A 591 10.50 -28.81 10.64
C PHE A 591 11.51 -28.25 11.64
N THR A 592 12.34 -27.32 11.19
CA THR A 592 13.34 -26.72 12.05
C THR A 592 13.42 -25.21 11.92
N ILE A 593 13.18 -24.50 13.01
CA ILE A 593 13.29 -23.04 13.03
C ILE A 593 14.70 -22.73 13.50
N GLN A 594 15.40 -21.84 12.81
CA GLN A 594 16.76 -21.53 13.22
C GLN A 594 17.02 -20.06 13.50
N ASN A 595 17.80 -19.82 14.54
CA ASN A 595 18.19 -18.48 14.94
C ASN A 595 17.01 -17.58 15.27
N TYR A 596 16.10 -18.09 16.07
CA TYR A 596 14.95 -17.30 16.46
C TYR A 596 15.32 -16.42 17.65
N VAL A 597 15.63 -15.15 17.38
CA VAL A 597 15.96 -14.18 18.41
C VAL A 597 14.65 -13.43 18.64
N HIS A 598 14.14 -13.48 19.86
CA HIS A 598 12.85 -12.88 20.16
C HIS A 598 12.79 -12.21 21.51
N HIS A 599 11.83 -11.31 21.66
CA HIS A 599 11.61 -10.60 22.91
C HIS A 599 10.90 -11.54 23.86
N GLU A 600 10.59 -11.02 25.04
CA GLU A 600 9.93 -11.81 26.07
C GLU A 600 8.49 -12.11 25.69
N LYS A 601 8.01 -13.30 26.05
CA LYS A 601 6.64 -13.68 25.76
C LYS A 601 5.69 -12.70 26.44
N ILE A 602 4.69 -12.25 25.71
CA ILE A 602 3.71 -11.31 26.25
C ILE A 602 2.34 -11.97 26.35
N SER A 603 1.84 -12.12 27.57
CA SER A 603 0.53 -12.72 27.77
C SER A 603 -0.50 -11.64 27.46
N MET A 604 -1.12 -11.75 26.29
CA MET A 604 -2.11 -10.76 25.84
C MET A 604 -3.15 -10.40 26.90
N ASP A 605 -3.63 -11.41 27.62
CA ASP A 605 -4.60 -11.18 28.69
C ASP A 605 -3.86 -11.08 30.02
N MET A 606 -3.93 -9.92 30.64
CA MET A 606 -3.25 -9.71 31.91
C MET A 606 -4.17 -9.99 33.10
N ALA A 607 -5.31 -10.61 32.82
CA ALA A 607 -6.29 -10.94 33.86
C ALA A 607 -6.27 -12.44 34.25
N ALA A 608 -5.57 -13.24 33.46
CA ALA A 608 -5.49 -14.69 33.72
C ALA A 608 -4.59 -15.01 34.92
N MET B 1 19.12 33.83 -14.33
CA MET B 1 18.90 34.95 -15.30
C MET B 1 17.57 34.78 -16.03
N MET B 2 16.48 34.69 -15.26
CA MET B 2 15.14 34.52 -15.82
C MET B 2 14.51 35.89 -16.11
N GLU B 3 14.13 36.09 -17.37
CA GLU B 3 13.53 37.36 -17.81
C GLU B 3 12.00 37.30 -17.84
N GLN B 4 11.42 36.44 -17.01
CA GLN B 4 9.96 36.29 -16.97
C GLN B 4 9.36 36.77 -15.65
N VAL B 5 8.47 37.75 -15.76
CA VAL B 5 7.81 38.33 -14.60
C VAL B 5 7.04 37.33 -13.75
N CYS B 6 5.98 36.76 -14.32
CA CYS B 6 5.14 35.78 -13.61
C CYS B 6 5.96 34.79 -12.79
N ASP B 7 7.16 34.48 -13.29
CA ASP B 7 8.05 33.53 -12.63
C ASP B 7 8.83 34.17 -11.50
N VAL B 8 8.97 35.50 -11.55
CA VAL B 8 9.70 36.23 -10.54
C VAL B 8 8.77 36.73 -9.44
N PHE B 9 7.60 37.22 -9.82
CA PHE B 9 6.64 37.73 -8.85
C PHE B 9 5.64 36.69 -8.37
N ASP B 10 5.79 35.45 -8.83
CA ASP B 10 4.90 34.36 -8.44
C ASP B 10 3.43 34.72 -8.71
N ILE B 11 3.09 34.88 -9.98
CA ILE B 11 1.73 35.21 -10.37
C ILE B 11 0.99 33.96 -10.83
N TYR B 12 0.06 33.50 -9.99
CA TYR B 12 -0.72 32.32 -10.29
C TYR B 12 -2.18 32.69 -10.52
N ALA B 13 -2.95 31.72 -11.02
CA ALA B 13 -4.36 31.92 -11.26
C ALA B 13 -5.11 30.78 -10.60
N ILE B 14 -6.32 31.05 -10.10
CA ILE B 14 -7.11 30.02 -9.46
C ILE B 14 -8.58 30.23 -9.82
N CYS B 15 -9.24 29.15 -10.21
CA CYS B 15 -10.65 29.24 -10.61
C CYS B 15 -11.40 27.95 -10.35
N ALA B 16 -12.67 27.97 -10.72
CA ALA B 16 -13.57 26.83 -10.58
C ALA B 16 -14.59 26.90 -11.71
N CYS B 17 -14.44 26.04 -12.70
CA CYS B 17 -15.37 26.04 -13.82
C CYS B 17 -16.21 24.77 -13.83
N CYS B 18 -17.50 24.93 -14.12
CA CYS B 18 -18.43 23.81 -14.20
C CYS B 18 -18.73 23.56 -15.67
N LYS B 19 -19.53 22.54 -15.94
CA LYS B 19 -19.91 22.23 -17.31
C LYS B 19 -21.03 23.16 -17.75
N VAL B 20 -21.02 23.55 -19.02
CA VAL B 20 -22.02 24.44 -19.56
C VAL B 20 -23.03 23.68 -20.42
N GLU B 21 -24.31 24.02 -20.26
CA GLU B 21 -25.37 23.37 -21.02
C GLU B 21 -25.43 23.88 -22.46
N SER B 22 -25.17 22.99 -23.41
CA SER B 22 -25.22 23.34 -24.82
C SER B 22 -26.67 23.33 -25.32
N LYS B 23 -27.15 24.50 -25.73
CA LYS B 23 -28.52 24.67 -26.23
C LYS B 23 -28.81 23.75 -27.41
N ASN B 24 -27.73 23.29 -28.04
CA ASN B 24 -27.80 22.40 -29.18
C ASN B 24 -28.07 20.95 -28.73
N GLU B 25 -27.17 20.40 -27.92
CA GLU B 25 -27.28 19.02 -27.44
C GLU B 25 -27.94 18.69 -26.10
N GLY B 26 -27.74 19.56 -25.11
CA GLY B 26 -28.30 19.30 -23.80
C GLY B 26 -27.21 18.81 -22.84
N LYS B 27 -27.62 18.18 -21.74
CA LYS B 27 -26.68 17.68 -20.73
C LYS B 27 -25.76 16.52 -21.15
N LYS B 28 -26.34 15.49 -21.78
CA LYS B 28 -25.59 14.32 -22.23
C LYS B 28 -24.70 14.73 -23.41
N ASN B 29 -23.41 14.83 -23.16
CA ASN B 29 -22.46 15.26 -24.20
C ASN B 29 -21.85 14.13 -25.03
N GLU B 30 -21.43 14.48 -26.25
CA GLU B 30 -20.85 13.50 -27.15
C GLU B 30 -19.32 13.42 -27.14
N VAL B 31 -18.68 14.53 -26.82
CA VAL B 31 -17.22 14.58 -26.78
C VAL B 31 -16.75 15.49 -25.67
N PHE B 32 -15.61 15.12 -25.08
CA PHE B 32 -15.05 15.86 -23.98
C PHE B 32 -13.58 16.17 -24.15
N ASN B 33 -13.12 17.14 -23.36
CA ASN B 33 -11.73 17.58 -23.35
C ASN B 33 -11.62 18.52 -22.18
N ASN B 34 -10.45 19.13 -22.00
CA ASN B 34 -10.27 20.05 -20.89
C ASN B 34 -11.23 21.22 -20.97
N TYR B 35 -11.49 21.71 -22.18
CA TYR B 35 -12.39 22.84 -22.39
C TYR B 35 -13.85 22.53 -22.09
N THR B 36 -14.10 21.35 -21.55
CA THR B 36 -15.47 20.94 -21.19
C THR B 36 -15.90 21.73 -19.96
N PHE B 37 -14.97 21.91 -19.04
CA PHE B 37 -15.22 22.66 -17.81
C PHE B 37 -14.83 24.12 -18.03
N ARG B 38 -15.81 24.97 -18.27
CA ARG B 38 -15.51 26.38 -18.51
C ARG B 38 -16.49 27.37 -17.90
N GLY B 39 -17.60 26.88 -17.35
CA GLY B 39 -18.56 27.79 -16.74
C GLY B 39 -17.96 28.55 -15.57
N LEU B 40 -17.88 29.87 -15.68
CA LEU B 40 -17.35 30.72 -14.61
C LEU B 40 -18.43 31.39 -13.76
N GLY B 41 -19.36 32.08 -14.42
CA GLY B 41 -20.42 32.75 -13.67
C GLY B 41 -21.76 32.90 -14.35
N ASN B 42 -22.73 33.39 -13.60
CA ASN B 42 -24.10 33.60 -14.10
C ASN B 42 -24.81 34.65 -13.26
N LYS B 43 -25.29 35.70 -13.92
CA LYS B 43 -26.01 36.77 -13.25
C LYS B 43 -25.22 37.37 -12.08
N GLY B 44 -23.97 37.73 -12.34
CA GLY B 44 -23.12 38.31 -11.31
C GLY B 44 -22.76 37.39 -10.17
N VAL B 45 -23.15 36.13 -10.28
CA VAL B 45 -22.85 35.17 -9.23
C VAL B 45 -22.32 33.86 -9.81
N LEU B 46 -21.95 32.95 -8.91
CA LEU B 46 -21.43 31.64 -9.28
C LEU B 46 -22.56 30.77 -9.84
N PRO B 47 -22.25 29.91 -10.83
CA PRO B 47 -23.23 29.02 -11.44
C PRO B 47 -23.96 28.11 -10.46
N TRP B 48 -23.26 27.73 -9.39
CA TRP B 48 -23.80 26.82 -8.38
C TRP B 48 -24.28 27.43 -7.06
N LYS B 49 -23.72 28.58 -6.68
CA LYS B 49 -24.05 29.31 -5.45
C LYS B 49 -23.01 29.14 -4.34
N CYS B 50 -22.94 27.94 -3.77
CA CYS B 50 -22.00 27.65 -2.71
C CYS B 50 -21.42 26.27 -2.88
N ASN B 51 -20.11 26.17 -2.97
CA ASN B 51 -19.53 24.83 -3.02
C ASN B 51 -18.66 24.81 -1.79
N SER B 52 -19.24 24.30 -0.72
CA SER B 52 -18.55 24.24 0.55
C SER B 52 -17.12 23.69 0.47
N LEU B 53 -16.85 22.79 -0.45
CA LEU B 53 -15.50 22.22 -0.55
C LEU B 53 -14.56 23.08 -1.34
N ASP B 54 -15.02 23.54 -2.50
CA ASP B 54 -14.19 24.38 -3.33
C ASP B 54 -13.84 25.64 -2.58
N MET B 55 -14.80 26.15 -1.82
CA MET B 55 -14.58 27.36 -1.02
C MET B 55 -13.37 27.10 -0.13
N LYS B 56 -13.43 26.03 0.64
CA LYS B 56 -12.33 25.67 1.55
C LYS B 56 -11.01 25.59 0.81
N TYR B 57 -11.06 25.20 -0.47
CA TYR B 57 -9.85 25.10 -1.27
C TYR B 57 -9.36 26.51 -1.60
N PHE B 58 -10.25 27.31 -2.18
CA PHE B 58 -9.94 28.69 -2.54
C PHE B 58 -9.22 29.37 -1.39
N CYS B 59 -9.85 29.39 -0.22
CA CYS B 59 -9.28 29.99 0.96
C CYS B 59 -7.91 29.40 1.28
N ALA B 60 -7.88 28.12 1.61
CA ALA B 60 -6.64 27.43 1.96
C ALA B 60 -5.47 27.73 1.01
N VAL B 61 -5.74 27.82 -0.29
CA VAL B 61 -4.70 28.09 -1.26
C VAL B 61 -4.23 29.54 -1.27
N THR B 62 -5.17 30.47 -1.23
CA THR B 62 -4.83 31.89 -1.25
C THR B 62 -4.40 32.48 0.09
N THR B 63 -4.67 31.78 1.19
CA THR B 63 -4.28 32.28 2.50
C THR B 63 -3.04 31.58 3.03
N TYR B 64 -2.60 30.53 2.34
CA TYR B 64 -1.41 29.80 2.79
C TYR B 64 -0.12 30.55 2.51
N VAL B 65 0.76 30.58 3.49
CA VAL B 65 2.04 31.26 3.36
C VAL B 65 3.11 30.50 4.12
N ASN B 66 4.33 30.47 3.56
CA ASN B 66 5.46 29.80 4.18
C ASN B 66 6.54 30.84 4.45
N GLU B 67 6.49 31.47 5.62
CA GLU B 67 7.43 32.51 5.99
C GLU B 67 8.91 32.13 5.95
N SER B 68 9.22 30.90 6.31
CA SER B 68 10.61 30.46 6.31
C SER B 68 11.15 30.29 4.90
N LYS B 69 10.33 30.62 3.91
CA LYS B 69 10.73 30.48 2.51
C LYS B 69 10.67 31.82 1.77
N TYR B 70 10.14 32.85 2.43
CA TYR B 70 10.00 34.17 1.83
C TYR B 70 11.26 34.88 1.35
N GLU B 71 12.24 35.05 2.22
CA GLU B 71 13.47 35.75 1.85
C GLU B 71 13.98 35.38 0.47
N LYS B 72 14.04 34.09 0.17
CA LYS B 72 14.52 33.64 -1.14
C LYS B 72 13.82 34.39 -2.27
N LEU B 73 12.52 34.66 -2.07
CA LEU B 73 11.71 35.37 -3.05
C LEU B 73 12.05 36.86 -3.12
N LYS B 74 11.96 37.53 -1.98
CA LYS B 74 12.27 38.96 -1.92
C LYS B 74 13.67 39.21 -2.48
N TYR B 75 14.62 38.38 -2.05
CA TYR B 75 16.00 38.47 -2.49
C TYR B 75 16.08 38.69 -3.99
N LYS B 76 15.15 38.06 -4.71
CA LYS B 76 15.13 38.15 -6.16
C LYS B 76 14.16 39.20 -6.71
N ARG B 77 13.13 39.54 -5.94
CA ARG B 77 12.16 40.53 -6.39
C ARG B 77 12.76 41.93 -6.35
N CYS B 78 13.58 42.19 -5.34
CA CYS B 78 14.24 43.49 -5.23
C CYS B 78 15.44 43.53 -6.17
N LYS B 79 16.03 42.36 -6.42
CA LYS B 79 17.18 42.26 -7.31
C LYS B 79 16.75 42.56 -8.74
N TYR B 80 15.65 41.95 -9.16
CA TYR B 80 15.11 42.13 -10.51
C TYR B 80 14.73 43.60 -10.78
N LEU B 81 14.41 44.33 -9.72
CA LEU B 81 14.01 45.72 -9.85
C LEU B 81 15.17 46.67 -9.58
N LYS B 97 3.61 40.43 9.59
CA LYS B 97 2.76 39.30 9.23
C LYS B 97 2.60 39.21 7.72
N LEU B 98 3.40 38.35 7.09
CA LEU B 98 3.35 38.16 5.64
C LEU B 98 2.02 37.61 5.15
N GLN B 99 1.62 38.01 3.94
CA GLN B 99 0.36 37.56 3.35
C GLN B 99 0.47 37.43 1.83
N ASN B 100 -0.57 36.89 1.20
CA ASN B 100 -0.61 36.73 -0.26
C ASN B 100 -1.40 37.86 -0.90
N VAL B 101 -1.31 37.94 -2.23
CA VAL B 101 -2.02 38.96 -2.99
C VAL B 101 -3.12 38.34 -3.84
N VAL B 102 -4.32 38.93 -3.80
CA VAL B 102 -5.43 38.43 -4.59
C VAL B 102 -6.00 39.50 -5.51
N VAL B 103 -5.64 39.40 -6.77
CA VAL B 103 -6.09 40.35 -7.78
C VAL B 103 -7.46 39.93 -8.30
N MET B 104 -8.26 40.91 -8.70
CA MET B 104 -9.59 40.63 -9.22
C MET B 104 -10.19 41.82 -9.97
N GLY B 105 -11.20 41.53 -10.80
CA GLY B 105 -11.85 42.58 -11.57
C GLY B 105 -12.92 43.25 -10.72
N ARG B 106 -13.38 44.42 -11.15
CA ARG B 106 -14.41 45.15 -10.41
C ARG B 106 -15.60 44.26 -10.16
N THR B 107 -16.25 43.83 -11.24
CA THR B 107 -17.43 42.97 -11.17
C THR B 107 -17.32 41.92 -10.07
N SER B 108 -16.23 41.16 -10.09
CA SER B 108 -16.01 40.13 -9.09
C SER B 108 -16.06 40.69 -7.67
N TRP B 109 -15.16 41.63 -7.38
CA TRP B 109 -15.10 42.23 -6.06
C TRP B 109 -16.48 42.60 -5.54
N GLU B 110 -17.38 42.95 -6.46
CA GLU B 110 -18.74 43.36 -6.11
C GLU B 110 -19.61 42.17 -5.67
N SER B 111 -19.50 41.06 -6.39
CA SER B 111 -20.28 39.87 -6.07
C SER B 111 -19.91 39.29 -4.71
N ILE B 112 -18.89 39.87 -4.08
CA ILE B 112 -18.44 39.42 -2.78
C ILE B 112 -19.32 40.02 -1.68
N PRO B 113 -19.89 39.17 -0.81
CA PRO B 113 -20.74 39.65 0.28
C PRO B 113 -19.97 40.51 1.28
N LYS B 114 -20.57 41.64 1.66
CA LYS B 114 -20.00 42.59 2.61
C LYS B 114 -19.21 41.98 3.78
N LYS B 115 -19.91 41.24 4.64
CA LYS B 115 -19.29 40.63 5.81
C LYS B 115 -17.96 39.94 5.57
N PHE B 116 -17.75 39.42 4.37
CA PHE B 116 -16.51 38.73 4.06
C PHE B 116 -15.56 39.60 3.22
N LYS B 117 -16.04 40.69 2.68
CA LYS B 117 -15.18 41.59 1.91
C LYS B 117 -14.54 42.74 2.78
N PRO B 118 -13.39 43.09 2.65
CA PRO B 118 -12.47 42.45 1.72
C PRO B 118 -12.04 41.13 2.36
N LEU B 119 -11.52 40.19 1.53
CA LEU B 119 -11.12 38.91 2.04
C LEU B 119 -10.19 38.87 3.22
N SER B 120 -10.65 38.24 4.28
CA SER B 120 -9.90 38.09 5.50
C SER B 120 -8.56 37.43 5.28
N ASN B 121 -7.48 38.06 5.76
CA ASN B 121 -6.13 37.53 5.68
C ASN B 121 -5.50 37.47 4.32
N ARG B 122 -6.01 38.30 3.43
CA ARG B 122 -5.55 38.35 2.02
C ARG B 122 -5.11 39.72 1.72
N ILE B 123 -4.46 39.86 0.59
CA ILE B 123 -4.09 41.17 0.14
C ILE B 123 -5.20 41.35 -0.91
N ASN B 124 -5.89 42.47 -0.85
CA ASN B 124 -6.98 42.72 -1.81
C ASN B 124 -6.56 43.80 -2.78
N VAL B 125 -6.74 43.53 -4.07
CA VAL B 125 -6.37 44.47 -5.11
C VAL B 125 -7.41 44.40 -6.22
N ILE B 126 -8.10 45.51 -6.47
CA ILE B 126 -9.13 45.54 -7.51
C ILE B 126 -8.69 46.23 -8.79
N LEU B 127 -8.64 45.47 -9.89
CA LEU B 127 -8.25 46.00 -11.19
C LEU B 127 -9.50 46.62 -11.82
N SER B 128 -9.63 47.93 -11.69
CA SER B 128 -10.78 48.68 -12.19
C SER B 128 -10.40 50.11 -12.56
N ARG B 129 -11.21 50.74 -13.41
CA ARG B 129 -10.96 52.12 -13.84
C ARG B 129 -12.04 53.11 -13.46
N THR B 130 -13.01 52.66 -12.68
CA THR B 130 -14.09 53.55 -12.24
C THR B 130 -13.82 53.82 -10.77
N LEU B 131 -13.37 52.78 -10.08
CA LEU B 131 -13.07 52.85 -8.66
C LEU B 131 -11.98 53.87 -8.37
N LYS B 132 -12.17 54.63 -7.30
CA LYS B 132 -11.21 55.65 -6.90
C LYS B 132 -10.62 55.30 -5.54
N LYS B 133 -9.30 55.42 -5.44
CA LYS B 133 -8.59 55.13 -4.20
C LYS B 133 -9.34 55.53 -2.92
N GLU B 134 -9.81 56.78 -2.87
CA GLU B 134 -10.53 57.30 -1.73
C GLU B 134 -11.64 56.39 -1.19
N ASP B 135 -12.65 56.15 -2.05
CA ASP B 135 -13.80 55.28 -1.67
C ASP B 135 -13.22 54.11 -0.85
N PHE B 136 -12.08 53.57 -1.24
CA PHE B 136 -11.57 52.44 -0.47
C PHE B 136 -10.55 52.84 0.62
N ASP B 137 -10.24 51.93 1.56
CA ASP B 137 -9.32 52.27 2.64
C ASP B 137 -7.92 51.91 2.21
N GLU B 138 -6.94 52.51 2.86
CA GLU B 138 -5.55 52.24 2.52
C GLU B 138 -5.33 50.74 2.23
N ASP B 139 -5.83 49.90 3.11
CA ASP B 139 -5.71 48.44 3.00
C ASP B 139 -6.06 47.94 1.60
N VAL B 140 -7.28 48.22 1.17
CA VAL B 140 -7.75 47.81 -0.15
C VAL B 140 -7.07 48.64 -1.23
N TYR B 141 -6.32 47.99 -2.09
CA TYR B 141 -5.64 48.69 -3.18
C TYR B 141 -6.50 48.70 -4.42
N ILE B 142 -6.11 49.51 -5.40
CA ILE B 142 -6.83 49.62 -6.65
C ILE B 142 -5.84 49.97 -7.76
N ILE B 143 -5.76 49.10 -8.77
CA ILE B 143 -4.86 49.33 -9.88
C ILE B 143 -5.64 49.88 -11.08
N ASN B 144 -4.91 50.37 -12.07
CA ASN B 144 -5.52 50.95 -13.25
C ASN B 144 -5.48 50.02 -14.46
N LYS B 145 -4.42 49.21 -14.56
CA LYS B 145 -4.28 48.26 -15.66
C LYS B 145 -3.34 47.11 -15.31
N VAL B 146 -3.06 46.28 -16.31
CA VAL B 146 -2.19 45.12 -16.16
C VAL B 146 -0.83 45.53 -15.59
N GLU B 147 -0.04 46.19 -16.42
CA GLU B 147 1.30 46.65 -16.04
C GLU B 147 1.35 47.30 -14.67
N ASP B 148 0.28 48.02 -14.32
CA ASP B 148 0.22 48.70 -13.02
C ASP B 148 0.45 47.72 -11.86
N LEU B 149 -0.20 46.57 -11.92
CA LEU B 149 -0.05 45.54 -10.88
C LEU B 149 1.41 45.27 -10.55
N ILE B 150 2.17 44.84 -11.55
CA ILE B 150 3.58 44.51 -11.40
C ILE B 150 4.32 45.46 -10.47
N VAL B 151 4.24 46.75 -10.75
CA VAL B 151 4.92 47.74 -9.91
C VAL B 151 4.40 47.67 -8.48
N LEU B 152 3.09 47.63 -8.33
CA LEU B 152 2.48 47.57 -7.00
C LEU B 152 3.04 46.40 -6.19
N LEU B 153 3.33 45.31 -6.88
CA LEU B 153 3.86 44.12 -6.23
C LEU B 153 5.30 44.36 -5.76
N GLY B 154 5.95 45.36 -6.36
CA GLY B 154 7.31 45.68 -5.97
C GLY B 154 7.33 46.40 -4.63
N LYS B 155 6.49 47.42 -4.50
CA LYS B 155 6.41 48.20 -3.27
C LYS B 155 5.68 47.42 -2.18
N LEU B 156 5.52 46.11 -2.37
CA LEU B 156 4.81 45.29 -1.39
C LEU B 156 5.56 44.06 -0.88
N ASN B 157 5.06 43.51 0.22
CA ASN B 157 5.62 42.32 0.85
C ASN B 157 4.59 41.22 0.84
N TYR B 158 4.74 40.26 -0.07
CA TYR B 158 3.79 39.15 -0.17
C TYR B 158 4.49 37.84 -0.47
N TYR B 159 3.76 36.74 -0.30
CA TYR B 159 4.29 35.42 -0.58
C TYR B 159 4.04 35.07 -2.04
N LYS B 160 2.76 35.05 -2.41
CA LYS B 160 2.37 34.75 -3.78
C LYS B 160 1.22 35.64 -4.21
N CYS B 161 1.00 35.74 -5.52
CA CYS B 161 -0.08 36.57 -6.05
C CYS B 161 -1.06 35.71 -6.83
N PHE B 162 -2.32 35.72 -6.42
CA PHE B 162 -3.36 34.92 -7.06
C PHE B 162 -4.42 35.73 -7.79
N ILE B 163 -4.62 35.40 -9.07
CA ILE B 163 -5.64 36.07 -9.87
C ILE B 163 -6.93 35.27 -9.63
N ILE B 164 -7.81 35.82 -8.79
CA ILE B 164 -9.06 35.13 -8.45
C ILE B 164 -10.23 35.50 -9.36
N GLY B 165 -9.93 36.09 -10.51
CA GLY B 165 -10.99 36.47 -11.45
C GLY B 165 -11.04 37.95 -11.74
N GLY B 166 -11.94 38.37 -12.62
CA GLY B 166 -12.86 37.44 -13.28
C GLY B 166 -12.43 37.03 -14.68
N SER B 167 -13.42 36.64 -15.46
CA SER B 167 -13.21 36.20 -16.84
C SER B 167 -12.28 37.11 -17.62
N VAL B 168 -12.63 38.39 -17.67
CA VAL B 168 -11.84 39.35 -18.40
C VAL B 168 -10.41 39.43 -17.88
N VAL B 169 -10.26 39.40 -16.57
CA VAL B 169 -8.93 39.44 -15.96
C VAL B 169 -8.15 38.20 -16.38
N TYR B 170 -8.80 37.04 -16.29
CA TYR B 170 -8.17 35.77 -16.69
C TYR B 170 -7.74 35.87 -18.14
N GLN B 171 -8.69 36.24 -19.00
CA GLN B 171 -8.45 36.33 -20.44
C GLN B 171 -7.14 37.03 -20.79
N GLU B 172 -7.04 38.29 -20.41
CA GLU B 172 -5.85 39.10 -20.69
C GLU B 172 -4.59 38.55 -20.06
N PHE B 173 -4.66 38.22 -18.78
CA PHE B 173 -3.51 37.69 -18.06
C PHE B 173 -2.92 36.46 -18.73
N LEU B 174 -3.74 35.72 -19.46
CA LEU B 174 -3.29 34.52 -20.16
C LEU B 174 -2.56 34.91 -21.43
N GLU B 175 -3.00 36.01 -22.03
CA GLU B 175 -2.38 36.52 -23.24
C GLU B 175 -1.04 37.11 -22.85
N LYS B 176 -1.06 37.99 -21.86
CA LYS B 176 0.15 38.64 -21.35
C LYS B 176 1.16 37.59 -20.88
N LYS B 177 0.73 36.34 -20.80
CA LYS B 177 1.61 35.27 -20.34
C LYS B 177 2.23 35.64 -19.01
N LEU B 178 1.38 36.12 -18.10
CA LEU B 178 1.79 36.53 -16.76
C LEU B 178 1.37 35.48 -15.74
N ILE B 179 0.91 34.33 -16.23
CA ILE B 179 0.49 33.25 -15.35
C ILE B 179 1.51 32.12 -15.30
N LYS B 180 1.87 31.73 -14.08
CA LYS B 180 2.84 30.66 -13.86
C LYS B 180 2.10 29.33 -13.76
N LYS B 181 1.08 29.28 -12.90
CA LYS B 181 0.26 28.08 -12.72
C LYS B 181 -1.21 28.44 -12.59
N ILE B 182 -2.06 27.45 -12.82
CA ILE B 182 -3.49 27.65 -12.72
C ILE B 182 -4.11 26.59 -11.81
N TYR B 183 -4.70 27.03 -10.71
CA TYR B 183 -5.35 26.11 -9.80
C TYR B 183 -6.79 26.05 -10.27
N PHE B 184 -7.08 25.01 -11.05
CA PHE B 184 -8.37 24.80 -11.68
C PHE B 184 -9.23 23.75 -10.97
N THR B 185 -10.41 24.16 -10.53
CA THR B 185 -11.35 23.26 -9.86
C THR B 185 -12.40 22.84 -10.89
N ARG B 186 -12.58 21.54 -11.07
CA ARG B 186 -13.56 21.05 -12.02
C ARG B 186 -14.82 20.61 -11.31
N ILE B 187 -15.90 21.38 -11.47
CA ILE B 187 -17.20 21.07 -10.88
C ILE B 187 -17.87 20.16 -11.90
N ASN B 188 -18.04 18.89 -11.55
CA ASN B 188 -18.64 17.93 -12.47
C ASN B 188 -20.17 17.92 -12.50
N SER B 189 -20.74 19.01 -12.99
CA SER B 189 -22.19 19.16 -13.12
C SER B 189 -22.49 20.34 -14.03
N THR B 190 -23.69 20.39 -14.59
CA THR B 190 -24.05 21.46 -15.50
C THR B 190 -24.93 22.54 -14.86
N TYR B 191 -24.70 23.79 -15.26
CA TYR B 191 -25.46 24.93 -14.77
C TYR B 191 -25.52 25.98 -15.86
N GLU B 192 -26.41 26.95 -15.69
CA GLU B 192 -26.56 28.04 -16.65
C GLU B 192 -25.41 29.00 -16.44
N CYS B 193 -24.80 29.47 -17.52
CA CYS B 193 -23.67 30.40 -17.42
C CYS B 193 -23.74 31.51 -18.47
N ASP B 194 -23.00 32.59 -18.22
CA ASP B 194 -22.94 33.72 -19.13
C ASP B 194 -21.51 34.16 -19.41
N VAL B 195 -20.58 33.75 -18.53
CA VAL B 195 -19.17 34.07 -18.69
C VAL B 195 -18.34 32.80 -18.54
N PHE B 196 -17.34 32.64 -19.40
CA PHE B 196 -16.52 31.44 -19.38
C PHE B 196 -15.02 31.70 -19.33
N PHE B 197 -14.28 30.70 -18.84
CA PHE B 197 -12.84 30.77 -18.73
C PHE B 197 -12.21 30.53 -20.09
N PRO B 198 -11.14 31.28 -20.42
CA PRO B 198 -10.44 31.15 -21.71
C PRO B 198 -10.00 29.72 -22.00
N GLU B 199 -10.02 29.34 -23.27
CA GLU B 199 -9.59 27.99 -23.66
C GLU B 199 -8.08 27.90 -23.52
N ILE B 200 -7.63 27.31 -22.41
CA ILE B 200 -6.21 27.15 -22.14
C ILE B 200 -5.50 26.46 -23.30
N ASN B 201 -4.47 27.10 -23.84
CA ASN B 201 -3.70 26.53 -24.94
C ASN B 201 -2.79 25.44 -24.39
N GLU B 202 -3.04 24.20 -24.78
CA GLU B 202 -2.24 23.08 -24.30
C GLU B 202 -0.77 23.15 -24.65
N ASN B 203 -0.38 24.15 -25.44
CA ASN B 203 1.02 24.29 -25.80
C ASN B 203 1.69 25.21 -24.79
N GLU B 204 0.87 26.00 -24.10
CA GLU B 204 1.35 26.94 -23.09
C GLU B 204 1.32 26.32 -21.70
N TYR B 205 0.13 25.92 -21.26
CA TYR B 205 -0.06 25.31 -19.94
C TYR B 205 -0.46 23.85 -20.05
N GLN B 206 0.03 23.03 -19.12
CA GLN B 206 -0.28 21.61 -19.11
C GLN B 206 -0.49 21.10 -17.68
N ILE B 207 -1.39 20.13 -17.55
CA ILE B 207 -1.72 19.55 -16.25
C ILE B 207 -0.55 18.73 -15.71
N ILE B 208 -0.12 19.06 -14.49
CA ILE B 208 0.97 18.35 -13.85
C ILE B 208 0.51 17.63 -12.59
N SER B 209 -0.67 17.98 -12.11
CA SER B 209 -1.23 17.34 -10.91
C SER B 209 -2.74 17.30 -10.95
N VAL B 210 -3.30 16.22 -10.40
CA VAL B 210 -4.74 16.01 -10.33
C VAL B 210 -5.00 15.39 -8.98
N SER B 211 -5.89 15.99 -8.22
CA SER B 211 -6.20 15.53 -6.88
C SER B 211 -7.19 14.40 -6.79
N ASP B 212 -7.51 14.03 -5.55
CA ASP B 212 -8.48 13.01 -5.24
C ASP B 212 -9.83 13.57 -5.68
N VAL B 213 -10.84 12.70 -5.78
CA VAL B 213 -12.16 13.14 -6.21
C VAL B 213 -13.07 13.20 -4.98
N TYR B 214 -13.91 14.23 -4.94
CA TYR B 214 -14.79 14.44 -3.80
C TYR B 214 -16.21 14.78 -4.22
N THR B 215 -17.10 14.77 -3.23
CA THR B 215 -18.48 15.12 -3.45
C THR B 215 -18.86 16.23 -2.47
N SER B 216 -19.34 17.35 -3.01
CA SER B 216 -19.75 18.48 -2.20
C SER B 216 -20.95 19.14 -2.83
N ASN B 217 -21.91 19.53 -1.99
CA ASN B 217 -23.11 20.19 -2.46
C ASN B 217 -23.80 19.42 -3.56
N ASN B 218 -23.97 18.13 -3.33
CA ASN B 218 -24.66 17.27 -4.28
C ASN B 218 -24.08 17.28 -5.70
N THR B 219 -22.75 17.18 -5.79
CA THR B 219 -22.03 17.15 -7.07
C THR B 219 -20.57 16.76 -6.83
N THR B 220 -19.95 16.11 -7.81
CA THR B 220 -18.54 15.73 -7.65
C THR B 220 -17.65 16.82 -8.24
N LEU B 221 -16.41 16.86 -7.76
CA LEU B 221 -15.44 17.82 -8.24
C LEU B 221 -14.04 17.35 -7.87
N ASP B 222 -13.04 17.90 -8.54
CA ASP B 222 -11.67 17.58 -8.24
C ASP B 222 -10.83 18.82 -8.48
N PHE B 223 -9.53 18.71 -8.18
CA PHE B 223 -8.63 19.85 -8.34
C PHE B 223 -7.41 19.44 -9.13
N ILE B 224 -7.18 20.12 -10.24
CA ILE B 224 -6.03 19.82 -11.06
C ILE B 224 -5.13 21.05 -11.13
N ILE B 225 -3.87 20.85 -11.48
CA ILE B 225 -2.96 21.98 -11.55
C ILE B 225 -2.31 22.13 -12.93
N TYR B 226 -2.40 23.34 -13.45
CA TYR B 226 -1.83 23.66 -14.76
C TYR B 226 -0.49 24.38 -14.55
N LYS B 227 0.52 23.94 -15.29
CA LYS B 227 1.84 24.55 -15.18
C LYS B 227 2.30 25.06 -16.54
N LYS B 228 2.81 26.29 -16.57
CA LYS B 228 3.29 26.88 -17.82
C LYS B 228 4.41 25.96 -18.27
N THR B 229 4.38 25.57 -19.54
CA THR B 229 5.43 24.71 -20.08
C THR B 229 6.70 25.54 -20.27
N ASN B 230 7.78 25.09 -19.66
CA ASN B 230 9.05 25.82 -19.75
C ASN B 230 9.58 25.97 -21.19
N ASN B 231 8.86 25.36 -22.13
CA ASN B 231 9.24 25.42 -23.55
C ASN B 231 8.31 26.33 -24.39
N ASP B 283 18.17 15.79 10.65
CA ASP B 283 17.56 16.47 9.47
C ASP B 283 18.14 15.93 8.16
N ASP B 284 19.45 16.13 7.97
CA ASP B 284 20.13 15.67 6.77
C ASP B 284 20.74 14.30 6.99
N GLU B 285 21.08 14.03 8.26
CA GLU B 285 21.67 12.76 8.65
C GLU B 285 20.73 11.67 8.14
N GLU B 286 19.44 11.88 8.39
CA GLU B 286 18.40 10.95 7.98
C GLU B 286 18.18 10.94 6.46
N GLU B 287 18.73 11.92 5.76
CA GLU B 287 18.57 11.98 4.31
C GLU B 287 19.48 10.96 3.62
N ASP B 288 20.68 10.77 4.15
CA ASP B 288 21.62 9.80 3.58
C ASP B 288 21.26 8.40 4.05
N ASP B 289 20.64 8.31 5.21
CA ASP B 289 20.24 7.01 5.75
C ASP B 289 19.24 6.36 4.81
N PHE B 290 18.47 7.17 4.11
CA PHE B 290 17.49 6.67 3.15
C PHE B 290 18.23 6.05 1.98
N VAL B 291 19.32 6.68 1.54
CA VAL B 291 20.09 6.14 0.44
C VAL B 291 20.73 4.82 0.87
N TYR B 292 21.24 4.77 2.10
CA TYR B 292 21.87 3.55 2.59
C TYR B 292 20.92 2.36 2.57
N PHE B 293 19.71 2.56 3.05
CA PHE B 293 18.73 1.49 3.09
C PHE B 293 18.28 1.04 1.71
N ASN B 294 18.72 1.76 0.69
CA ASN B 294 18.38 1.45 -0.69
C ASN B 294 19.54 0.81 -1.44
N PHE B 295 20.63 0.58 -0.72
CA PHE B 295 21.84 0.01 -1.31
C PHE B 295 21.61 -1.27 -2.13
N ASN B 296 20.53 -1.98 -1.86
CA ASN B 296 20.27 -3.23 -2.56
C ASN B 296 19.11 -3.16 -3.56
N LYS B 297 18.74 -1.95 -3.96
CA LYS B 297 17.64 -1.77 -4.89
C LYS B 297 18.01 -2.06 -6.34
N GLU B 298 16.99 -2.46 -7.09
CA GLU B 298 17.14 -2.77 -8.52
C GLU B 298 17.75 -1.61 -9.28
N LYS B 299 18.73 -1.91 -10.13
CA LYS B 299 19.38 -0.88 -10.93
C LYS B 299 18.58 -0.70 -12.22
N GLU B 300 17.65 -1.62 -12.45
CA GLU B 300 16.85 -1.58 -13.67
C GLU B 300 15.55 -2.41 -13.60
N GLU B 301 14.67 -2.24 -14.59
CA GLU B 301 13.39 -2.95 -14.63
C GLU B 301 13.32 -4.02 -15.73
N LYS B 302 12.76 -5.17 -15.38
CA LYS B 302 12.64 -6.31 -16.31
C LYS B 302 12.28 -5.90 -17.74
N ASN B 303 11.05 -5.42 -17.92
CA ASN B 303 10.58 -5.01 -19.24
C ASN B 303 10.84 -3.53 -19.51
N LYS B 304 11.75 -2.93 -18.76
CA LYS B 304 12.07 -1.52 -18.97
C LYS B 304 12.39 -1.27 -20.43
N ASN B 305 13.22 -2.13 -21.01
CA ASN B 305 13.61 -2.01 -22.41
C ASN B 305 12.41 -2.16 -23.35
N SER B 306 11.78 -3.33 -23.32
CA SER B 306 10.62 -3.61 -24.17
C SER B 306 9.56 -2.52 -24.09
N ILE B 307 9.50 -1.84 -22.94
CA ILE B 307 8.55 -0.75 -22.72
C ILE B 307 9.30 0.58 -22.62
N HIS B 308 9.26 1.33 -23.72
CA HIS B 308 9.94 2.61 -23.82
C HIS B 308 9.46 3.70 -22.87
N PRO B 309 10.29 4.74 -22.66
CA PRO B 309 10.00 5.88 -21.77
C PRO B 309 9.26 7.04 -22.41
N ASN B 310 9.58 7.36 -23.65
CA ASN B 310 8.89 8.45 -24.32
C ASN B 310 7.46 8.03 -24.59
N ASP B 311 7.12 6.82 -24.16
CA ASP B 311 5.78 6.29 -24.35
C ASP B 311 4.87 6.80 -23.24
N PHE B 312 5.48 7.10 -22.09
CA PHE B 312 4.74 7.56 -20.92
C PHE B 312 5.21 8.92 -20.42
N GLN B 313 5.64 9.82 -21.30
CA GLN B 313 6.11 11.10 -20.80
C GLN B 313 5.03 11.88 -20.05
N ILE B 314 3.81 11.90 -20.58
CA ILE B 314 2.74 12.62 -19.89
C ILE B 314 2.43 11.92 -18.56
N TYR B 315 2.23 10.61 -18.61
CA TYR B 315 1.94 9.86 -17.40
C TYR B 315 3.01 10.11 -16.35
N ASN B 316 4.28 10.07 -16.79
CA ASN B 316 5.39 10.28 -15.88
C ASN B 316 5.76 11.75 -15.65
N SER B 317 5.02 12.66 -16.27
CA SER B 317 5.30 14.08 -16.10
C SER B 317 4.51 14.62 -14.91
N LEU B 318 3.40 13.96 -14.59
CA LEU B 318 2.57 14.38 -13.47
C LEU B 318 3.34 14.30 -12.18
N LYS B 319 3.05 15.22 -11.26
CA LYS B 319 3.71 15.26 -9.98
C LYS B 319 2.84 14.53 -8.95
N TYR B 320 1.60 14.97 -8.85
CA TYR B 320 0.67 14.37 -7.91
C TYR B 320 -0.52 13.77 -8.63
N LYS B 321 -0.61 12.44 -8.54
CA LYS B 321 -1.69 11.70 -9.17
C LYS B 321 -2.53 11.08 -8.07
N TYR B 322 -3.38 11.90 -7.45
CA TYR B 322 -4.22 11.43 -6.36
C TYR B 322 -5.60 10.99 -6.82
N HIS B 323 -5.91 11.19 -8.09
CA HIS B 323 -7.19 10.77 -8.60
C HIS B 323 -7.28 9.24 -8.42
N PRO B 324 -8.43 8.73 -7.95
CA PRO B 324 -8.62 7.29 -7.75
C PRO B 324 -8.34 6.40 -8.95
N GLU B 325 -8.61 6.91 -10.15
CA GLU B 325 -8.38 6.13 -11.36
C GLU B 325 -6.94 5.66 -11.48
N TYR B 326 -6.00 6.43 -10.92
CA TYR B 326 -4.59 6.06 -10.98
C TYR B 326 -4.32 4.74 -10.26
N GLN B 327 -5.22 4.35 -9.36
CA GLN B 327 -5.05 3.08 -8.67
C GLN B 327 -5.07 1.97 -9.71
N TYR B 328 -5.89 2.16 -10.74
CA TYR B 328 -5.99 1.20 -11.84
C TYR B 328 -4.81 1.41 -12.80
N LEU B 329 -4.58 2.66 -13.20
CA LEU B 329 -3.49 2.99 -14.12
C LEU B 329 -2.11 2.63 -13.56
N ASN B 330 -1.89 2.90 -12.28
CA ASN B 330 -0.60 2.59 -11.68
C ASN B 330 -0.35 1.09 -11.71
N ILE B 331 -1.41 0.30 -11.58
CA ILE B 331 -1.26 -1.15 -11.63
C ILE B 331 -0.86 -1.55 -13.05
N ILE B 332 -1.48 -0.90 -14.02
CA ILE B 332 -1.18 -1.17 -15.43
C ILE B 332 0.33 -0.94 -15.60
N TYR B 333 0.79 0.20 -15.09
CA TYR B 333 2.19 0.57 -15.20
C TYR B 333 3.09 -0.47 -14.58
N ASP B 334 2.77 -0.85 -13.35
CA ASP B 334 3.58 -1.85 -12.65
C ASP B 334 3.70 -3.14 -13.46
N ILE B 335 2.58 -3.60 -14.00
CA ILE B 335 2.60 -4.82 -14.78
C ILE B 335 3.36 -4.67 -16.10
N MET B 336 3.29 -3.51 -16.73
CA MET B 336 4.02 -3.32 -17.98
C MET B 336 5.53 -3.18 -17.73
N MET B 337 5.89 -2.63 -16.58
CA MET B 337 7.30 -2.43 -16.25
C MET B 337 7.93 -3.60 -15.49
N ASN B 338 7.14 -4.32 -14.72
CA ASN B 338 7.71 -5.41 -13.93
C ASN B 338 7.04 -6.77 -14.04
N GLY B 339 5.96 -6.84 -14.82
CA GLY B 339 5.25 -8.10 -14.98
C GLY B 339 6.14 -9.23 -15.48
N ASN B 340 5.71 -10.46 -15.23
CA ASN B 340 6.45 -11.62 -15.67
C ASN B 340 5.81 -12.11 -16.96
N LYS B 341 6.64 -12.42 -17.94
CA LYS B 341 6.14 -12.92 -19.22
C LYS B 341 5.73 -14.39 -19.09
N GLN B 342 4.51 -14.71 -19.49
CA GLN B 342 4.02 -16.08 -19.36
C GLN B 342 3.26 -16.65 -20.55
N SER B 343 3.09 -17.97 -20.52
CA SER B 343 2.36 -18.70 -21.55
C SER B 343 0.87 -18.43 -21.37
N ASP B 344 0.09 -18.72 -22.41
CA ASP B 344 -1.34 -18.53 -22.34
C ASP B 344 -2.01 -19.41 -23.39
N ARG B 345 -2.88 -20.29 -22.93
CA ARG B 345 -3.59 -21.22 -23.81
C ARG B 345 -4.19 -20.53 -25.02
N THR B 346 -4.63 -19.28 -24.85
CA THR B 346 -5.22 -18.51 -25.94
C THR B 346 -4.21 -18.33 -27.08
N GLY B 347 -2.95 -18.65 -26.80
CA GLY B 347 -1.91 -18.51 -27.81
C GLY B 347 -1.04 -17.30 -27.55
N VAL B 348 -1.67 -16.14 -27.38
CA VAL B 348 -0.94 -14.90 -27.13
C VAL B 348 -0.31 -14.97 -25.74
N GLY B 349 0.52 -13.98 -25.42
CA GLY B 349 1.15 -13.98 -24.11
C GLY B 349 0.63 -12.85 -23.25
N VAL B 350 1.14 -12.77 -22.03
CA VAL B 350 0.71 -11.73 -21.12
C VAL B 350 1.82 -11.41 -20.13
N LEU B 351 1.61 -10.33 -19.40
CA LEU B 351 2.52 -9.91 -18.36
C LEU B 351 1.66 -10.07 -17.13
N SER B 352 2.19 -10.73 -16.11
CA SER B 352 1.40 -10.94 -14.91
C SER B 352 2.17 -10.72 -13.61
N LYS B 353 1.43 -10.30 -12.59
CA LYS B 353 1.95 -10.04 -11.25
C LYS B 353 0.93 -10.70 -10.34
N PHE B 354 1.28 -10.88 -9.07
CA PHE B 354 0.39 -11.55 -8.13
C PHE B 354 0.09 -10.70 -6.92
N GLY B 355 -1.16 -10.24 -6.81
CA GLY B 355 -1.57 -9.44 -5.67
C GLY B 355 -1.52 -7.91 -5.73
N TYR B 356 -2.69 -7.29 -5.83
CA TYR B 356 -2.81 -5.83 -5.86
C TYR B 356 -4.09 -5.45 -5.11
N ILE B 357 -4.19 -4.20 -4.72
CA ILE B 357 -5.36 -3.74 -4.00
C ILE B 357 -5.78 -2.36 -4.51
N MET B 358 -7.08 -2.16 -4.67
CA MET B 358 -7.63 -0.88 -5.08
C MET B 358 -8.77 -0.58 -4.14
N LYS B 359 -8.93 0.68 -3.77
CA LYS B 359 -10.01 1.06 -2.87
C LYS B 359 -10.72 2.28 -3.38
N PHE B 360 -12.03 2.21 -3.45
CA PHE B 360 -12.84 3.31 -3.94
C PHE B 360 -13.86 3.74 -2.92
N ASP B 361 -13.93 5.05 -2.70
CA ASP B 361 -14.87 5.58 -1.73
C ASP B 361 -16.16 5.88 -2.48
N LEU B 362 -17.10 4.95 -2.42
CA LEU B 362 -18.36 5.09 -3.13
C LEU B 362 -19.24 6.20 -2.57
N SER B 363 -18.82 6.80 -1.46
CA SER B 363 -19.59 7.89 -0.86
C SER B 363 -19.19 9.20 -1.50
N GLN B 364 -18.08 9.18 -2.23
CA GLN B 364 -17.60 10.39 -2.90
C GLN B 364 -17.74 10.37 -4.43
N TYR B 365 -17.80 9.20 -5.02
CA TYR B 365 -17.90 9.08 -6.48
C TYR B 365 -18.18 7.68 -6.92
N PHE B 366 -18.61 7.52 -8.17
CA PHE B 366 -18.84 6.18 -8.71
C PHE B 366 -17.58 5.94 -9.58
N PRO B 367 -16.77 4.92 -9.22
CA PRO B 367 -15.52 4.61 -9.94
C PRO B 367 -15.65 4.05 -11.32
N LEU B 368 -16.31 4.77 -12.21
CA LEU B 368 -16.45 4.25 -13.57
C LEU B 368 -15.25 4.93 -14.26
N LEU B 369 -14.44 4.17 -14.94
CA LEU B 369 -13.25 4.72 -15.59
C LEU B 369 -13.58 5.88 -16.51
N THR B 370 -12.65 6.81 -16.64
CA THR B 370 -12.87 7.96 -17.51
C THR B 370 -11.80 8.08 -18.57
N THR B 371 -10.70 7.35 -18.43
CA THR B 371 -9.66 7.41 -19.43
C THR B 371 -10.02 6.72 -20.75
N LYS B 372 -11.24 6.22 -20.80
CA LYS B 372 -11.80 5.59 -21.98
C LYS B 372 -13.31 5.50 -21.75
N LYS B 373 -14.05 5.06 -22.75
CA LYS B 373 -15.50 4.97 -22.61
C LYS B 373 -15.93 3.60 -22.12
N LEU B 374 -16.90 3.58 -21.22
CA LEU B 374 -17.43 2.32 -20.71
C LEU B 374 -18.94 2.34 -20.73
N PHE B 375 -19.54 1.24 -21.20
CA PHE B 375 -21.00 1.12 -21.25
C PHE B 375 -21.43 0.19 -20.12
N LEU B 376 -22.51 0.52 -19.45
CA LEU B 376 -22.96 -0.30 -18.32
C LEU B 376 -24.24 -1.12 -18.43
N ARG B 377 -24.99 -0.99 -19.52
CA ARG B 377 -26.23 -1.75 -19.61
C ARG B 377 -25.95 -3.24 -19.48
N GLY B 378 -24.96 -3.71 -20.24
CA GLY B 378 -24.59 -5.11 -20.22
C GLY B 378 -24.32 -5.64 -18.84
N ILE B 379 -23.35 -5.05 -18.15
CA ILE B 379 -23.02 -5.51 -16.82
C ILE B 379 -24.15 -5.36 -15.79
N ILE B 380 -25.06 -4.40 -15.98
CA ILE B 380 -26.15 -4.26 -15.03
C ILE B 380 -27.11 -5.43 -15.24
N GLU B 381 -27.40 -5.74 -16.50
CA GLU B 381 -28.28 -6.87 -16.83
C GLU B 381 -27.65 -8.16 -16.27
N GLU B 382 -26.34 -8.28 -16.37
CA GLU B 382 -25.66 -9.47 -15.87
C GLU B 382 -25.85 -9.58 -14.37
N LEU B 383 -25.79 -8.43 -13.70
CA LEU B 383 -25.98 -8.39 -12.27
C LEU B 383 -27.39 -8.82 -11.89
N LEU B 384 -28.39 -8.35 -12.64
CA LEU B 384 -29.78 -8.70 -12.36
C LEU B 384 -30.02 -10.18 -12.64
N TRP B 385 -29.32 -10.69 -13.65
CA TRP B 385 -29.37 -12.09 -14.06
C TRP B 385 -28.83 -12.94 -12.90
N PHE B 386 -27.71 -12.51 -12.31
CA PHE B 386 -27.11 -13.21 -11.16
C PHE B 386 -28.12 -13.24 -10.01
N ILE B 387 -28.68 -12.07 -9.69
CA ILE B 387 -29.64 -11.94 -8.59
C ILE B 387 -30.84 -12.86 -8.74
N ARG B 388 -31.29 -13.08 -9.98
CA ARG B 388 -32.41 -13.97 -10.21
C ARG B 388 -31.98 -15.44 -10.12
N GLY B 389 -30.66 -15.67 -10.08
CA GLY B 389 -30.15 -17.02 -9.98
C GLY B 389 -30.17 -17.80 -11.28
N GLU B 390 -30.22 -17.11 -12.40
CA GLU B 390 -30.27 -17.76 -13.71
C GLU B 390 -28.91 -18.30 -14.15
N THR B 391 -28.95 -19.27 -15.05
CA THR B 391 -27.73 -19.85 -15.63
C THR B 391 -27.95 -19.98 -17.14
N ASN B 392 -29.07 -19.44 -17.60
CA ASN B 392 -29.44 -19.49 -19.01
C ASN B 392 -28.86 -18.36 -19.84
N GLY B 393 -27.80 -18.66 -20.59
CA GLY B 393 -27.17 -17.65 -21.43
C GLY B 393 -28.11 -17.00 -22.43
N ASN B 394 -29.17 -17.70 -22.84
CA ASN B 394 -30.10 -17.15 -23.80
C ASN B 394 -30.79 -15.89 -23.26
N THR B 395 -31.05 -15.86 -21.95
CA THR B 395 -31.70 -14.71 -21.33
C THR B 395 -30.87 -13.43 -21.56
N LEU B 396 -29.56 -13.57 -21.67
CA LEU B 396 -28.72 -12.42 -21.88
C LEU B 396 -28.58 -12.12 -23.37
N LEU B 397 -28.47 -13.16 -24.18
CA LEU B 397 -28.35 -12.98 -25.61
C LEU B 397 -29.57 -12.29 -26.20
N ASN B 398 -30.75 -12.61 -25.68
CA ASN B 398 -31.98 -12.01 -26.20
C ASN B 398 -32.12 -10.54 -25.83
N LYS B 399 -31.22 -10.04 -24.99
CA LYS B 399 -31.20 -8.64 -24.56
C LYS B 399 -29.95 -8.02 -25.16
N ASN B 400 -29.29 -8.80 -26.01
CA ASN B 400 -28.07 -8.38 -26.68
C ASN B 400 -26.90 -8.07 -25.74
N VAL B 401 -26.82 -8.87 -24.68
CA VAL B 401 -25.74 -8.77 -23.72
C VAL B 401 -24.98 -10.04 -24.04
N ARG B 402 -23.86 -9.90 -24.75
CA ARG B 402 -23.08 -11.05 -25.20
C ARG B 402 -21.83 -11.35 -24.41
N ILE B 403 -21.86 -11.00 -23.13
CA ILE B 403 -20.75 -11.20 -22.22
C ILE B 403 -20.41 -12.68 -21.99
N TRP B 404 -21.42 -13.54 -21.99
CA TRP B 404 -21.23 -14.98 -21.75
C TRP B 404 -21.35 -15.86 -22.99
N GLU B 405 -21.66 -15.24 -24.12
CA GLU B 405 -21.83 -15.97 -25.37
C GLU B 405 -20.69 -16.93 -25.71
N ALA B 406 -19.45 -16.50 -25.60
CA ALA B 406 -18.33 -17.37 -25.93
C ALA B 406 -18.24 -18.61 -25.04
N ASN B 407 -18.63 -18.48 -23.79
CA ASN B 407 -18.54 -19.60 -22.85
C ASN B 407 -19.72 -20.56 -22.90
N GLY B 408 -20.68 -20.28 -23.77
CA GLY B 408 -21.83 -21.15 -23.87
C GLY B 408 -22.01 -21.82 -25.23
N THR B 409 -20.97 -21.78 -26.06
CA THR B 409 -21.00 -22.38 -27.40
C THR B 409 -20.70 -23.88 -27.36
N ARG B 410 -21.16 -24.57 -28.40
CA ARG B 410 -20.95 -26.01 -28.53
C ARG B 410 -19.48 -26.34 -28.38
N GLU B 411 -18.64 -25.59 -29.09
CA GLU B 411 -17.19 -25.80 -29.04
C GLU B 411 -16.61 -25.54 -27.65
N PHE B 412 -17.04 -24.46 -27.00
CA PHE B 412 -16.52 -24.16 -25.67
C PHE B 412 -16.98 -25.18 -24.64
N LEU B 413 -18.26 -25.55 -24.68
CA LEU B 413 -18.74 -26.54 -23.72
C LEU B 413 -18.05 -27.88 -23.91
N ASP B 414 -17.77 -28.25 -25.15
CA ASP B 414 -17.11 -29.52 -25.43
C ASP B 414 -15.68 -29.54 -24.96
N ASN B 415 -14.96 -28.43 -25.13
CA ASN B 415 -13.59 -28.36 -24.66
C ASN B 415 -13.53 -28.53 -23.15
N ARG B 416 -14.62 -28.16 -22.46
CA ARG B 416 -14.73 -28.29 -21.01
C ARG B 416 -15.23 -29.69 -20.70
N LYS B 417 -15.40 -30.47 -21.75
CA LYS B 417 -15.85 -31.84 -21.67
C LYS B 417 -17.32 -31.89 -21.24
N LEU B 418 -18.07 -30.83 -21.36
CA LEU B 418 -19.50 -30.92 -20.96
C LEU B 418 -20.30 -31.22 -22.25
N PHE B 419 -20.15 -32.45 -22.73
CA PHE B 419 -20.81 -32.91 -23.95
C PHE B 419 -22.34 -33.01 -23.87
N HIS B 420 -22.87 -33.29 -22.69
CA HIS B 420 -24.29 -33.44 -22.51
C HIS B 420 -24.94 -32.13 -22.00
N ARG B 421 -24.28 -31.01 -22.26
CA ARG B 421 -24.78 -29.71 -21.85
C ARG B 421 -25.30 -28.92 -23.06
N GLU B 422 -26.53 -28.41 -22.95
CA GLU B 422 -27.10 -27.62 -24.04
C GLU B 422 -26.33 -26.30 -24.21
N VAL B 423 -26.23 -25.85 -25.45
CA VAL B 423 -25.55 -24.60 -25.77
C VAL B 423 -26.17 -23.49 -24.93
N ASN B 424 -25.33 -22.65 -24.35
CA ASN B 424 -25.78 -21.54 -23.52
C ASN B 424 -26.27 -21.94 -22.12
N ASP B 425 -26.24 -23.24 -21.81
CA ASP B 425 -26.62 -23.64 -20.47
C ASP B 425 -25.26 -23.59 -19.76
N LEU B 426 -24.98 -22.47 -19.10
CA LEU B 426 -23.72 -22.25 -18.45
C LEU B 426 -23.41 -23.10 -17.21
N GLY B 427 -24.37 -23.89 -16.76
CA GLY B 427 -24.14 -24.73 -15.60
C GLY B 427 -24.32 -24.01 -14.27
N PRO B 428 -23.89 -24.62 -13.15
CA PRO B 428 -24.03 -23.99 -11.83
C PRO B 428 -23.07 -22.84 -11.54
N ILE B 429 -23.16 -21.78 -12.33
CA ILE B 429 -22.31 -20.62 -12.13
C ILE B 429 -22.91 -19.61 -11.15
N TYR B 430 -22.23 -18.47 -11.00
CA TYR B 430 -22.63 -17.39 -10.12
C TYR B 430 -24.06 -17.43 -9.57
N GLY B 431 -25.00 -17.00 -10.41
CA GLY B 431 -26.41 -16.98 -10.05
C GLY B 431 -26.90 -18.18 -9.27
N PHE B 432 -26.61 -19.38 -9.75
CA PHE B 432 -27.02 -20.62 -9.09
C PHE B 432 -26.38 -20.78 -7.72
N GLN B 433 -25.11 -20.40 -7.60
CA GLN B 433 -24.40 -20.54 -6.32
C GLN B 433 -24.92 -19.52 -5.29
N TRP B 434 -25.23 -18.32 -5.76
CA TRP B 434 -25.76 -17.25 -4.92
C TRP B 434 -27.13 -17.61 -4.34
N ARG B 435 -27.93 -18.36 -5.10
CA ARG B 435 -29.26 -18.71 -4.64
C ARG B 435 -29.51 -20.18 -4.30
N HIS B 436 -28.62 -21.08 -4.70
CA HIS B 436 -28.85 -22.50 -4.43
C HIS B 436 -27.60 -23.31 -4.11
N PHE B 437 -26.59 -22.67 -3.53
CA PHE B 437 -25.36 -23.36 -3.22
C PHE B 437 -25.65 -24.70 -2.57
N GLY B 438 -25.10 -25.76 -3.15
CA GLY B 438 -25.31 -27.08 -2.60
C GLY B 438 -26.35 -27.93 -3.33
N ALA B 439 -27.23 -27.27 -4.06
CA ALA B 439 -28.26 -27.98 -4.80
C ALA B 439 -27.64 -28.74 -5.97
N GLU B 440 -28.32 -29.81 -6.39
CA GLU B 440 -27.84 -30.62 -7.51
C GLU B 440 -28.28 -29.94 -8.81
N TYR B 441 -27.33 -29.63 -9.67
CA TYR B 441 -27.66 -28.98 -10.94
C TYR B 441 -28.08 -29.97 -12.00
N THR B 442 -29.22 -29.69 -12.62
CA THR B 442 -29.68 -30.57 -13.69
C THR B 442 -29.50 -29.83 -15.00
N ASN B 443 -30.39 -28.89 -15.29
CA ASN B 443 -30.29 -28.10 -16.51
C ASN B 443 -30.85 -26.72 -16.24
N MET B 444 -30.58 -25.77 -17.15
CA MET B 444 -31.02 -24.40 -16.93
C MET B 444 -32.52 -24.13 -16.82
N TYR B 445 -33.35 -25.08 -17.23
CA TYR B 445 -34.80 -24.87 -17.16
C TYR B 445 -35.48 -25.45 -15.93
N ASP B 446 -34.74 -26.25 -15.16
CA ASP B 446 -35.30 -26.89 -13.99
C ASP B 446 -35.77 -25.91 -12.90
N ASN B 447 -36.64 -26.41 -12.01
CA ASN B 447 -37.14 -25.60 -10.91
C ASN B 447 -36.27 -25.86 -9.70
N TYR B 448 -35.66 -24.81 -9.17
CA TYR B 448 -34.78 -24.94 -8.01
C TYR B 448 -35.32 -24.20 -6.78
N GLU B 449 -36.61 -23.86 -6.80
CA GLU B 449 -37.22 -23.17 -5.67
C GLU B 449 -36.94 -23.88 -4.35
N ASN B 450 -36.29 -23.15 -3.44
CA ASN B 450 -35.95 -23.63 -2.11
C ASN B 450 -35.02 -24.82 -2.08
N LYS B 451 -34.13 -24.87 -3.07
CA LYS B 451 -33.14 -25.95 -3.10
C LYS B 451 -31.78 -25.27 -2.89
N GLY B 452 -30.93 -25.89 -2.08
CA GLY B 452 -29.62 -25.32 -1.83
C GLY B 452 -29.67 -24.15 -0.84
N VAL B 453 -28.52 -23.51 -0.63
CA VAL B 453 -28.46 -22.39 0.30
C VAL B 453 -28.53 -21.04 -0.39
N ASP B 454 -29.57 -20.26 -0.06
CA ASP B 454 -29.75 -18.93 -0.62
C ASP B 454 -28.81 -18.00 0.17
N GLN B 455 -27.59 -17.86 -0.33
CA GLN B 455 -26.57 -17.02 0.30
C GLN B 455 -26.93 -15.55 0.27
N LEU B 456 -27.42 -15.12 -0.88
CA LEU B 456 -27.78 -13.72 -1.08
C LEU B 456 -28.79 -13.28 -0.02
N LYS B 457 -29.83 -14.08 0.15
CA LYS B 457 -30.85 -13.78 1.13
C LYS B 457 -30.19 -13.73 2.52
N ASN B 458 -29.40 -14.76 2.83
CA ASN B 458 -28.71 -14.84 4.12
C ASN B 458 -27.80 -13.64 4.43
N ILE B 459 -27.01 -13.18 3.46
CA ILE B 459 -26.13 -12.06 3.76
C ILE B 459 -26.92 -10.77 3.96
N ILE B 460 -28.08 -10.69 3.32
CA ILE B 460 -28.88 -9.49 3.51
C ILE B 460 -29.50 -9.51 4.91
N ASN B 461 -29.87 -10.69 5.39
CA ASN B 461 -30.45 -10.77 6.72
C ASN B 461 -29.36 -10.57 7.77
N LEU B 462 -28.13 -10.95 7.44
CA LEU B 462 -27.05 -10.77 8.38
C LEU B 462 -26.77 -9.27 8.49
N ILE B 463 -26.79 -8.60 7.35
CA ILE B 463 -26.54 -7.17 7.33
C ILE B 463 -27.58 -6.41 8.13
N LYS B 464 -28.84 -6.81 8.00
CA LYS B 464 -29.94 -6.15 8.70
C LYS B 464 -30.05 -6.47 10.18
N ASN B 465 -29.79 -7.72 10.55
CA ASN B 465 -29.95 -8.14 11.94
C ASN B 465 -28.69 -8.45 12.76
N ASP B 466 -27.56 -8.64 12.10
CA ASP B 466 -26.33 -8.95 12.82
C ASP B 466 -25.17 -8.29 12.10
N PRO B 467 -25.29 -6.98 11.82
CA PRO B 467 -24.28 -6.20 11.12
C PRO B 467 -22.82 -6.30 11.56
N THR B 468 -22.57 -6.73 12.79
CA THR B 468 -21.18 -6.85 13.27
C THR B 468 -20.58 -8.22 12.99
N SER B 469 -21.39 -9.09 12.41
CA SER B 469 -20.96 -10.44 12.07
C SER B 469 -19.71 -10.40 11.19
N ARG B 470 -18.91 -11.44 11.27
CA ARG B 470 -17.71 -11.50 10.48
C ARG B 470 -17.80 -12.68 9.52
N ARG B 471 -19.05 -13.04 9.22
CA ARG B 471 -19.39 -14.16 8.35
C ARG B 471 -20.30 -13.73 7.21
N ILE B 472 -20.35 -12.43 6.95
CA ILE B 472 -21.19 -11.93 5.89
C ILE B 472 -20.43 -12.06 4.56
N LEU B 473 -20.46 -13.28 4.03
CA LEU B 473 -19.78 -13.59 2.78
C LEU B 473 -20.67 -14.25 1.75
N LEU B 474 -20.43 -13.91 0.49
CA LEU B 474 -21.16 -14.48 -0.64
C LEU B 474 -20.05 -15.15 -1.45
N CYS B 475 -20.05 -16.48 -1.47
CA CYS B 475 -19.01 -17.24 -2.16
C CYS B 475 -19.53 -17.98 -3.37
N ALA B 476 -18.91 -17.74 -4.52
CA ALA B 476 -19.32 -18.39 -5.76
C ALA B 476 -18.43 -19.57 -6.10
N TRP B 477 -17.29 -19.67 -5.43
CA TRP B 477 -16.35 -20.75 -5.70
C TRP B 477 -16.74 -22.06 -5.03
N ASN B 478 -17.76 -22.71 -5.59
CA ASN B 478 -18.24 -23.99 -5.09
C ASN B 478 -17.29 -25.06 -5.64
N VAL B 479 -16.36 -25.52 -4.81
CA VAL B 479 -15.38 -26.52 -5.23
C VAL B 479 -16.00 -27.77 -5.87
N LYS B 480 -17.14 -28.23 -5.36
CA LYS B 480 -17.76 -29.42 -5.92
C LYS B 480 -18.32 -29.22 -7.33
N ASP B 481 -18.68 -28.00 -7.68
CA ASP B 481 -19.27 -27.73 -8.98
C ASP B 481 -18.41 -27.03 -10.02
N LEU B 482 -17.14 -26.82 -9.73
CA LEU B 482 -16.27 -26.14 -10.68
C LEU B 482 -16.31 -26.79 -12.06
N ASP B 483 -16.02 -28.08 -12.12
CA ASP B 483 -16.03 -28.79 -13.40
C ASP B 483 -17.35 -28.71 -14.17
N GLN B 484 -18.47 -28.67 -13.45
CA GLN B 484 -19.79 -28.58 -14.10
C GLN B 484 -20.04 -27.17 -14.63
N MET B 485 -19.21 -26.21 -14.24
CA MET B 485 -19.37 -24.83 -14.70
C MET B 485 -18.71 -24.60 -16.05
N ALA B 486 -19.39 -23.87 -16.92
CA ALA B 486 -18.84 -23.57 -18.24
C ALA B 486 -17.45 -23.01 -17.98
N LEU B 487 -17.36 -22.21 -16.94
CA LEU B 487 -16.12 -21.58 -16.55
C LEU B 487 -16.11 -21.35 -15.04
N PRO B 488 -14.97 -21.60 -14.38
CA PRO B 488 -14.93 -21.37 -12.92
C PRO B 488 -15.02 -19.84 -12.69
N PRO B 489 -15.68 -19.40 -11.62
CA PRO B 489 -15.80 -17.97 -11.34
C PRO B 489 -14.49 -17.20 -11.18
N CYS B 490 -14.40 -16.05 -11.83
CA CYS B 490 -13.20 -15.21 -11.74
C CYS B 490 -13.33 -14.46 -10.40
N HIS B 491 -14.54 -13.99 -10.11
CA HIS B 491 -14.84 -13.28 -8.89
C HIS B 491 -15.23 -14.33 -7.85
N ILE B 492 -14.27 -14.66 -6.98
CA ILE B 492 -14.42 -15.69 -5.96
C ILE B 492 -15.45 -15.45 -4.87
N LEU B 493 -15.38 -14.29 -4.23
CA LEU B 493 -16.31 -14.01 -3.16
C LEU B 493 -16.43 -12.53 -2.82
N CYS B 494 -17.40 -12.25 -1.94
CA CYS B 494 -17.70 -10.91 -1.45
C CYS B 494 -17.80 -10.94 0.06
N GLN B 495 -17.13 -10.00 0.72
CA GLN B 495 -17.27 -9.92 2.15
C GLN B 495 -17.79 -8.52 2.44
N PHE B 496 -18.75 -8.45 3.35
CA PHE B 496 -19.35 -7.17 3.72
C PHE B 496 -18.97 -6.76 5.13
N TYR B 497 -18.98 -5.46 5.36
CA TYR B 497 -18.64 -4.88 6.65
C TYR B 497 -19.56 -3.69 6.91
N VAL B 498 -20.12 -3.64 8.12
CA VAL B 498 -21.03 -2.54 8.45
C VAL B 498 -20.60 -1.81 9.72
N PHE B 499 -20.62 -0.49 9.68
CA PHE B 499 -20.31 0.35 10.83
C PHE B 499 -20.95 1.71 10.67
N ASP B 500 -21.48 2.24 11.75
CA ASP B 500 -22.14 3.55 11.77
C ASP B 500 -23.01 3.73 10.54
N GLY B 501 -23.86 2.75 10.26
CA GLY B 501 -24.76 2.81 9.13
C GLY B 501 -24.11 2.85 7.76
N LYS B 502 -22.89 2.35 7.65
CA LYS B 502 -22.19 2.37 6.37
C LYS B 502 -21.77 0.97 5.91
N LEU B 503 -21.82 0.73 4.60
CA LEU B 503 -21.47 -0.57 4.05
C LEU B 503 -20.25 -0.59 3.13
N SER B 504 -19.28 -1.43 3.46
CA SER B 504 -18.08 -1.59 2.65
C SER B 504 -18.04 -3.03 2.16
N CYS B 505 -17.40 -3.24 1.02
CA CYS B 505 -17.34 -4.56 0.41
C CYS B 505 -15.98 -4.92 -0.14
N ILE B 506 -15.57 -6.14 0.14
CA ILE B 506 -14.31 -6.67 -0.36
C ILE B 506 -14.64 -7.79 -1.34
N MET B 507 -14.03 -7.73 -2.51
CA MET B 507 -14.26 -8.76 -3.50
C MET B 507 -12.90 -9.31 -3.95
N TYR B 508 -12.72 -10.62 -3.84
CA TYR B 508 -11.46 -11.26 -4.23
C TYR B 508 -11.57 -11.83 -5.64
N GLN B 509 -10.66 -11.42 -6.52
CA GLN B 509 -10.67 -11.91 -7.90
C GLN B 509 -9.41 -12.74 -8.17
N ARG B 510 -9.59 -14.00 -8.55
CA ARG B 510 -8.46 -14.90 -8.78
C ARG B 510 -7.72 -14.62 -10.08
N SER B 511 -8.47 -14.18 -11.09
CA SER B 511 -7.87 -13.89 -12.38
C SER B 511 -8.36 -12.54 -12.86
N CYS B 512 -7.44 -11.65 -13.21
CA CYS B 512 -7.82 -10.32 -13.61
C CYS B 512 -7.17 -9.87 -14.91
N ASP B 513 -8.00 -9.56 -15.89
CA ASP B 513 -7.53 -9.07 -17.18
C ASP B 513 -7.67 -7.56 -17.07
N LEU B 514 -6.56 -6.92 -16.72
CA LEU B 514 -6.57 -5.48 -16.53
C LEU B 514 -6.97 -4.61 -17.71
N GLY B 515 -6.62 -5.04 -18.91
CA GLY B 515 -6.96 -4.28 -20.09
C GLY B 515 -8.43 -4.25 -20.45
N LEU B 516 -9.12 -5.37 -20.29
CA LEU B 516 -10.53 -5.40 -20.67
C LEU B 516 -11.56 -5.70 -19.58
N GLY B 517 -11.25 -6.64 -18.70
CA GLY B 517 -12.21 -7.02 -17.67
C GLY B 517 -12.30 -6.20 -16.41
N VAL B 518 -11.15 -5.89 -15.81
CA VAL B 518 -11.11 -5.15 -14.55
C VAL B 518 -11.97 -3.87 -14.53
N PRO B 519 -11.90 -3.03 -15.59
CA PRO B 519 -12.72 -1.82 -15.56
C PRO B 519 -14.20 -2.13 -15.29
N PHE B 520 -14.73 -3.13 -16.00
CA PHE B 520 -16.11 -3.57 -15.84
C PHE B 520 -16.31 -4.21 -14.46
N ASN B 521 -15.30 -4.94 -14.00
CA ASN B 521 -15.36 -5.60 -12.70
C ASN B 521 -15.54 -4.57 -11.58
N ILE B 522 -14.82 -3.46 -11.68
CA ILE B 522 -14.89 -2.38 -10.70
C ILE B 522 -16.31 -1.80 -10.63
N ALA B 523 -16.84 -1.41 -11.78
CA ALA B 523 -18.17 -0.82 -11.87
C ALA B 523 -19.24 -1.79 -11.39
N SER B 524 -19.13 -3.02 -11.84
CA SER B 524 -20.07 -4.08 -11.49
C SER B 524 -20.29 -4.21 -9.98
N TYR B 525 -19.22 -4.45 -9.23
CA TYR B 525 -19.35 -4.60 -7.79
C TYR B 525 -19.64 -3.32 -7.05
N SER B 526 -19.26 -2.19 -7.65
CA SER B 526 -19.57 -0.94 -7.02
C SER B 526 -21.09 -0.81 -7.05
N ILE B 527 -21.68 -1.07 -8.22
CA ILE B 527 -23.12 -1.02 -8.35
C ILE B 527 -23.76 -2.01 -7.37
N PHE B 528 -23.20 -3.21 -7.26
CA PHE B 528 -23.74 -4.21 -6.36
C PHE B 528 -23.69 -3.75 -4.91
N THR B 529 -22.60 -3.08 -4.52
CA THR B 529 -22.51 -2.60 -3.15
C THR B 529 -23.62 -1.59 -2.90
N HIS B 530 -23.89 -0.76 -3.90
CA HIS B 530 -24.95 0.24 -3.81
C HIS B 530 -26.29 -0.45 -3.62
N MET B 531 -26.52 -1.52 -4.36
CA MET B 531 -27.76 -2.26 -4.30
C MET B 531 -27.97 -2.88 -2.92
N ILE B 532 -26.96 -3.59 -2.42
CA ILE B 532 -27.08 -4.22 -1.12
C ILE B 532 -27.28 -3.16 -0.03
N ALA B 533 -26.57 -2.04 -0.14
CA ALA B 533 -26.70 -0.99 0.88
C ALA B 533 -28.11 -0.44 0.92
N GLN B 534 -28.65 -0.06 -0.23
CA GLN B 534 -29.99 0.50 -0.28
C GLN B 534 -31.07 -0.40 0.29
N VAL B 535 -31.08 -1.69 -0.05
CA VAL B 535 -32.11 -2.58 0.48
C VAL B 535 -31.85 -2.94 1.93
N CYS B 536 -30.84 -2.34 2.52
CA CYS B 536 -30.52 -2.61 3.92
C CYS B 536 -30.50 -1.31 4.73
N ASN B 537 -30.90 -0.23 4.08
CA ASN B 537 -30.93 1.07 4.74
C ASN B 537 -29.58 1.56 5.20
N LEU B 538 -28.56 1.34 4.37
CA LEU B 538 -27.21 1.77 4.69
C LEU B 538 -26.68 2.65 3.56
N GLN B 539 -25.56 3.31 3.81
CA GLN B 539 -24.94 4.14 2.77
C GLN B 539 -23.71 3.40 2.29
N PRO B 540 -23.48 3.38 0.97
CA PRO B 540 -22.28 2.68 0.53
C PRO B 540 -21.06 3.42 1.02
N ALA B 541 -20.02 2.68 1.37
CA ALA B 541 -18.79 3.29 1.82
C ALA B 541 -17.68 2.84 0.88
N GLN B 542 -16.86 1.89 1.31
CA GLN B 542 -15.74 1.45 0.47
C GLN B 542 -15.92 0.19 -0.36
N PHE B 543 -15.43 0.24 -1.60
CA PHE B 543 -15.42 -0.96 -2.43
C PHE B 543 -13.94 -1.32 -2.50
N ILE B 544 -13.57 -2.44 -1.91
CA ILE B 544 -12.19 -2.88 -1.89
C ILE B 544 -12.00 -4.02 -2.87
N HIS B 545 -11.14 -3.81 -3.86
CA HIS B 545 -10.89 -4.80 -4.89
C HIS B 545 -9.54 -5.49 -4.68
N VAL B 546 -9.57 -6.79 -4.41
CA VAL B 546 -8.35 -7.57 -4.20
C VAL B 546 -8.06 -8.42 -5.42
N LEU B 547 -6.91 -8.17 -6.04
CA LEU B 547 -6.52 -8.89 -7.23
C LEU B 547 -5.48 -9.97 -6.95
N GLY B 548 -5.75 -11.17 -7.45
CA GLY B 548 -4.82 -12.27 -7.28
C GLY B 548 -3.93 -12.22 -8.50
N ASN B 549 -4.18 -13.11 -9.45
CA ASN B 549 -3.40 -13.11 -10.68
C ASN B 549 -3.87 -11.92 -11.52
N ALA B 550 -2.99 -10.93 -11.68
CA ALA B 550 -3.28 -9.73 -12.46
C ALA B 550 -2.43 -9.78 -13.72
N HIS B 551 -3.08 -9.79 -14.87
CA HIS B 551 -2.35 -9.88 -16.12
C HIS B 551 -2.80 -8.90 -17.18
N VAL B 552 -1.88 -8.59 -18.08
CA VAL B 552 -2.15 -7.69 -19.19
C VAL B 552 -1.82 -8.45 -20.48
N TYR B 553 -2.80 -8.50 -21.39
CA TYR B 553 -2.59 -9.19 -22.65
C TYR B 553 -1.66 -8.35 -23.51
N ASN B 554 -0.64 -8.98 -24.09
CA ASN B 554 0.33 -8.30 -24.93
C ASN B 554 -0.31 -7.48 -26.05
N ASN B 555 -1.44 -7.95 -26.57
CA ASN B 555 -2.13 -7.26 -27.64
C ASN B 555 -2.88 -6.03 -27.15
N HIS B 556 -2.77 -5.76 -25.85
CA HIS B 556 -3.43 -4.61 -25.23
C HIS B 556 -2.41 -3.54 -24.82
N ILE B 557 -1.13 -3.91 -24.84
CA ILE B 557 -0.08 -2.98 -24.44
C ILE B 557 -0.13 -1.63 -25.15
N ASP B 558 -0.29 -1.65 -26.47
CA ASP B 558 -0.33 -0.40 -27.22
C ASP B 558 -1.48 0.48 -26.78
N SER B 559 -2.65 -0.10 -26.61
CA SER B 559 -3.84 0.63 -26.17
C SER B 559 -3.67 1.20 -24.76
N LEU B 560 -3.10 0.41 -23.87
CA LEU B 560 -2.89 0.83 -22.50
C LEU B 560 -1.88 1.98 -22.43
N LYS B 561 -0.89 1.98 -23.31
CA LYS B 561 0.10 3.06 -23.34
C LYS B 561 -0.60 4.37 -23.66
N ILE B 562 -1.51 4.30 -24.63
CA ILE B 562 -2.24 5.48 -25.03
C ILE B 562 -3.07 5.94 -23.83
N GLN B 563 -3.72 4.97 -23.17
CA GLN B 563 -4.57 5.25 -22.02
C GLN B 563 -3.86 5.82 -20.80
N LEU B 564 -2.65 5.37 -20.52
CA LEU B 564 -1.91 5.88 -19.36
C LEU B 564 -1.50 7.34 -19.52
N ASN B 565 -1.60 7.86 -20.74
CA ASN B 565 -1.22 9.24 -20.98
C ASN B 565 -2.40 10.18 -21.06
N ARG B 566 -3.56 9.65 -20.71
CA ARG B 566 -4.78 10.45 -20.70
C ARG B 566 -4.99 10.79 -19.23
N ILE B 567 -5.31 12.05 -18.95
CA ILE B 567 -5.53 12.49 -17.59
C ILE B 567 -7.00 12.36 -17.25
N PRO B 568 -7.33 11.65 -16.16
CA PRO B 568 -8.69 11.41 -15.68
C PRO B 568 -9.55 12.65 -15.45
N TYR B 569 -10.86 12.48 -15.64
CA TYR B 569 -11.84 13.54 -15.42
C TYR B 569 -12.49 13.18 -14.10
N PRO B 570 -13.13 14.16 -13.43
CA PRO B 570 -13.76 13.79 -12.17
C PRO B 570 -14.80 12.69 -12.43
N PHE B 571 -14.88 11.73 -11.52
CA PHE B 571 -15.83 10.64 -11.63
C PHE B 571 -17.31 11.06 -11.65
N PRO B 572 -18.16 10.21 -12.23
CA PRO B 572 -19.60 10.47 -12.30
C PRO B 572 -20.24 9.97 -11.01
N THR B 573 -21.56 9.86 -10.98
CA THR B 573 -22.24 9.34 -9.79
C THR B 573 -23.33 8.35 -10.20
N LEU B 574 -23.69 7.45 -9.28
CA LEU B 574 -24.70 6.47 -9.57
C LEU B 574 -25.95 6.79 -8.77
N LYS B 575 -27.07 6.85 -9.47
CA LYS B 575 -28.34 7.14 -8.82
C LYS B 575 -29.24 5.93 -8.99
N LEU B 576 -29.73 5.42 -7.86
CA LEU B 576 -30.62 4.27 -7.89
C LEU B 576 -32.02 4.74 -7.58
N ASN B 577 -33.01 4.09 -8.18
CA ASN B 577 -34.39 4.42 -7.92
C ASN B 577 -34.57 4.16 -6.43
N PRO B 578 -34.89 5.20 -5.66
CA PRO B 578 -35.07 5.05 -4.21
C PRO B 578 -36.20 4.14 -3.77
N ASP B 579 -37.13 3.86 -4.66
CA ASP B 579 -38.28 3.01 -4.34
C ASP B 579 -37.95 1.55 -4.10
N ILE B 580 -37.05 0.98 -4.90
CA ILE B 580 -36.67 -0.42 -4.76
C ILE B 580 -36.16 -0.68 -3.35
N LYS B 581 -36.80 -1.61 -2.65
CA LYS B 581 -36.42 -1.92 -1.28
C LYS B 581 -36.00 -3.37 -1.06
N ASN B 582 -36.06 -4.19 -2.12
CA ASN B 582 -35.68 -5.58 -2.01
C ASN B 582 -34.70 -5.88 -3.15
N ILE B 583 -33.63 -6.60 -2.84
CA ILE B 583 -32.61 -6.92 -3.83
C ILE B 583 -33.18 -7.50 -5.12
N GLU B 584 -34.33 -8.16 -5.02
CA GLU B 584 -34.92 -8.77 -6.20
C GLU B 584 -35.77 -7.88 -7.09
N ASP B 585 -36.05 -6.65 -6.66
CA ASP B 585 -36.90 -5.75 -7.44
C ASP B 585 -36.25 -4.74 -8.40
N PHE B 586 -34.93 -4.79 -8.54
CA PHE B 586 -34.26 -3.85 -9.45
C PHE B 586 -34.45 -4.20 -10.91
N THR B 587 -34.64 -3.18 -11.74
CA THR B 587 -34.78 -3.39 -13.17
C THR B 587 -33.87 -2.40 -13.87
N ILE B 588 -33.48 -2.72 -15.10
CA ILE B 588 -32.57 -1.87 -15.87
C ILE B 588 -32.82 -0.36 -15.82
N SER B 589 -34.08 0.05 -15.80
CA SER B 589 -34.41 1.46 -15.77
C SER B 589 -34.14 2.11 -14.41
N ASP B 590 -33.97 1.28 -13.39
CA ASP B 590 -33.71 1.76 -12.03
C ASP B 590 -32.29 2.27 -11.78
N PHE B 591 -31.46 2.33 -12.83
CA PHE B 591 -30.08 2.77 -12.68
C PHE B 591 -29.78 3.95 -13.60
N THR B 592 -29.08 4.96 -13.06
CA THR B 592 -28.72 6.11 -13.86
C THR B 592 -27.34 6.63 -13.50
N ILE B 593 -26.46 6.70 -14.50
CA ILE B 593 -25.11 7.20 -14.32
C ILE B 593 -25.16 8.68 -14.68
N GLN B 594 -24.77 9.55 -13.74
CA GLN B 594 -24.82 10.97 -14.03
C GLN B 594 -23.47 11.64 -14.19
N ASN B 595 -23.44 12.66 -15.04
CA ASN B 595 -22.23 13.43 -15.29
C ASN B 595 -21.00 12.62 -15.61
N TYR B 596 -21.17 11.64 -16.48
CA TYR B 596 -20.05 10.82 -16.88
C TYR B 596 -19.27 11.51 -18.00
N VAL B 597 -18.18 12.17 -17.63
CA VAL B 597 -17.32 12.82 -18.60
C VAL B 597 -16.18 11.84 -18.84
N HIS B 598 -15.88 11.54 -20.10
CA HIS B 598 -14.85 10.57 -20.40
C HIS B 598 -14.10 10.83 -21.70
N HIS B 599 -12.98 10.12 -21.86
CA HIS B 599 -12.16 10.21 -23.06
C HIS B 599 -12.82 9.34 -24.11
N GLU B 600 -12.27 9.31 -25.32
CA GLU B 600 -12.89 8.51 -26.37
C GLU B 600 -12.61 7.03 -26.20
N LYS B 601 -13.48 6.23 -26.83
CA LYS B 601 -13.38 4.79 -26.77
C LYS B 601 -12.03 4.32 -27.26
N ILE B 602 -11.59 3.19 -26.74
CA ILE B 602 -10.33 2.60 -27.12
C ILE B 602 -10.54 1.12 -27.27
N SER B 603 -10.14 0.59 -28.42
CA SER B 603 -10.25 -0.84 -28.67
C SER B 603 -8.96 -1.43 -28.15
N MET B 604 -9.04 -2.16 -27.03
CA MET B 604 -7.85 -2.75 -26.46
C MET B 604 -7.17 -3.61 -27.53
N ASP B 605 -8.00 -4.33 -28.29
CA ASP B 605 -7.50 -5.15 -29.38
C ASP B 605 -7.62 -4.32 -30.66
N MET B 606 -6.54 -3.62 -30.99
CA MET B 606 -6.52 -2.74 -32.18
C MET B 606 -6.45 -3.46 -33.52
N ALA B 607 -6.31 -4.77 -33.51
CA ALA B 607 -6.25 -5.55 -34.75
C ALA B 607 -7.65 -5.55 -35.37
N ALA B 608 -8.63 -5.11 -34.59
CA ALA B 608 -10.03 -5.03 -35.03
C ALA B 608 -10.82 -4.11 -34.09
#